data_5K5N
#
_entry.id   5K5N
#
_cell.length_a   66.293
_cell.length_b   99.907
_cell.length_c   66.910
_cell.angle_alpha   90.00
_cell.angle_beta   102.90
_cell.angle_gamma   90.00
#
_symmetry.space_group_name_H-M   'P 1 21 1'
#
loop_
_entity.id
_entity.type
_entity.pdbx_description
1 polymer 'Glycogen synthase kinase-3 beta'
2 non-polymer 5-(3-chloranyl-4-methoxy-phenyl)-~{N}-[3-(1,2,4-triazol-1-yl)propyl]-1,3-oxazole-4-carboxamide
3 non-polymer 'SULFATE ION'
4 water water
#
_entity_poly.entity_id   1
_entity_poly.type   'polypeptide(L)'
_entity_poly.pdbx_seq_one_letter_code
;HHHHHHSSGLVPRGSRDKDGSKVTTVVATPGQGPDRPQEVSYTDTKVIGNGSFGVVYQAKLCDSGELVAIKKVLQDKRFK
NRELQIMRKLDHCNIVRLRYFFYSSGEKKDEVYLNLVLDYVPETVYRVARHYSRAKQTLPVIYVKLYMYQLFRSLAYIHS
FGICHRDIKPQNLLLDPDTAVLKLCDFGSAKQLVRGEPNVS(PTR)ICSRYYRAPELIFGATDYTSSIDVWSAGCVLAEL
LLGQPIFPGDSGVDQLVEIIKVLGTPTREQIREMNPNYTEFKFPQIKAHPWTKVFRPRTPPEAIALCSRLLEYTPTARLT
PLEACAHSFFDELRDPNVKLPNGRDTPALFNFTTQELSSNPPLATILIPPHARI
;
_entity_poly.pdbx_strand_id   A,B
#
# COMPACT_ATOMS: atom_id res chain seq x y z
N LYS A 22 28.88 -22.55 -0.63
CA LYS A 22 27.61 -22.46 0.08
C LYS A 22 26.46 -23.03 -0.77
N VAL A 23 25.81 -24.09 -0.26
CA VAL A 23 24.71 -24.76 -0.97
C VAL A 23 23.55 -25.11 -0.03
N THR A 24 22.30 -24.95 -0.51
CA THR A 24 21.10 -25.31 0.24
C THR A 24 20.46 -26.51 -0.46
N THR A 25 20.22 -27.58 0.29
CA THR A 25 19.60 -28.81 -0.23
C THR A 25 18.29 -29.07 0.51
N VAL A 26 17.20 -29.17 -0.26
CA VAL A 26 15.84 -29.39 0.24
C VAL A 26 15.17 -30.56 -0.48
N VAL A 27 14.14 -31.15 0.14
CA VAL A 27 13.34 -32.20 -0.49
C VAL A 27 12.16 -31.47 -1.14
N ALA A 28 12.17 -31.42 -2.48
CA ALA A 28 11.15 -30.70 -3.26
C ALA A 28 10.45 -31.59 -4.28
N THR A 29 9.20 -31.22 -4.63
CA THR A 29 8.35 -31.91 -5.59
C THR A 29 8.24 -31.05 -6.86
N PRO A 30 8.38 -31.63 -8.09
CA PRO A 30 8.23 -30.79 -9.30
C PRO A 30 6.82 -30.19 -9.42
N GLY A 31 6.75 -28.97 -9.95
CA GLY A 31 5.51 -28.24 -10.14
C GLY A 31 4.66 -28.79 -11.27
N ASP A 35 3.18 -35.76 -6.81
CA ASP A 35 4.15 -36.47 -7.64
C ASP A 35 5.29 -37.06 -6.77
N ARG A 36 6.47 -37.33 -7.37
CA ARG A 36 7.62 -37.90 -6.66
C ARG A 36 8.59 -36.83 -6.11
N PRO A 37 8.85 -36.81 -4.78
CA PRO A 37 9.80 -35.83 -4.22
C PRO A 37 11.26 -36.17 -4.52
N GLN A 38 12.13 -35.14 -4.54
CA GLN A 38 13.56 -35.27 -4.86
C GLN A 38 14.42 -34.19 -4.19
N GLU A 39 15.74 -34.48 -4.06
CA GLU A 39 16.72 -33.54 -3.50
C GLU A 39 17.02 -32.44 -4.52
N VAL A 40 16.66 -31.19 -4.17
CA VAL A 40 16.90 -30.03 -5.02
C VAL A 40 17.96 -29.16 -4.33
N SER A 41 19.05 -28.86 -5.06
CA SER A 41 20.15 -28.06 -4.56
C SER A 41 20.31 -26.74 -5.30
N TYR A 42 20.48 -25.67 -4.53
CA TYR A 42 20.66 -24.34 -5.07
C TYR A 42 21.68 -23.52 -4.29
N THR A 43 22.25 -22.51 -4.95
CA THR A 43 23.25 -21.61 -4.40
C THR A 43 22.92 -20.14 -4.70
N ASP A 44 23.79 -19.20 -4.24
CA ASP A 44 23.71 -17.76 -4.45
C ASP A 44 22.35 -17.16 -4.12
N THR A 45 21.69 -17.68 -3.07
CA THR A 45 20.35 -17.20 -2.70
C THR A 45 20.45 -15.79 -2.13
N LYS A 46 19.55 -14.91 -2.59
CA LYS A 46 19.50 -13.50 -2.16
C LYS A 46 18.08 -12.97 -2.18
N VAL A 47 17.76 -12.07 -1.25
CA VAL A 47 16.43 -11.44 -1.15
C VAL A 47 16.26 -10.45 -2.31
N ILE A 48 15.21 -10.61 -3.13
CA ILE A 48 14.88 -9.70 -4.22
C ILE A 48 13.51 -9.01 -3.99
N GLY A 49 12.65 -9.63 -3.18
CA GLY A 49 11.31 -9.14 -2.91
C GLY A 49 10.79 -9.43 -1.52
N ASN A 50 9.79 -8.64 -1.09
CA ASN A 50 9.16 -8.71 0.24
C ASN A 50 7.69 -8.27 0.18
N GLY A 51 6.82 -9.00 0.86
CA GLY A 51 5.39 -8.71 0.94
C GLY A 51 4.73 -9.26 2.20
N SER A 52 3.39 -9.18 2.27
CA SER A 52 2.60 -9.67 3.41
C SER A 52 2.70 -11.20 3.57
N PHE A 53 2.76 -11.91 2.42
CA PHE A 53 2.90 -13.37 2.31
C PHE A 53 4.23 -13.85 2.91
N GLY A 54 5.29 -13.08 2.65
CA GLY A 54 6.66 -13.37 3.07
C GLY A 54 7.70 -12.78 2.12
N VAL A 55 8.77 -13.56 1.87
CA VAL A 55 9.95 -13.19 1.07
C VAL A 55 9.98 -13.85 -0.33
N VAL A 56 10.72 -13.21 -1.27
CA VAL A 56 11.01 -13.70 -2.62
C VAL A 56 12.53 -13.70 -2.76
N TYR A 57 13.13 -14.84 -3.11
CA TYR A 57 14.58 -14.99 -3.27
C TYR A 57 14.97 -15.28 -4.71
N GLN A 58 16.20 -14.94 -5.10
CA GLN A 58 16.79 -15.33 -6.38
C GLN A 58 17.84 -16.37 -6.00
N ALA A 59 17.87 -17.49 -6.69
CA ALA A 59 18.85 -18.55 -6.45
C ALA A 59 19.25 -19.20 -7.77
N LYS A 60 20.39 -19.92 -7.78
CA LYS A 60 20.92 -20.62 -8.94
C LYS A 60 20.92 -22.12 -8.65
N LEU A 61 20.22 -22.91 -9.49
CA LEU A 61 20.14 -24.38 -9.37
C LEU A 61 21.49 -25.00 -9.73
N CYS A 62 21.84 -26.12 -9.07
CA CYS A 62 23.13 -26.79 -9.24
C CYS A 62 23.27 -27.60 -10.53
N ASP A 63 22.24 -28.39 -10.89
CA ASP A 63 22.27 -29.30 -12.05
C ASP A 63 22.38 -28.59 -13.39
N SER A 64 21.57 -27.52 -13.58
CA SER A 64 21.51 -26.77 -14.82
C SER A 64 22.21 -25.41 -14.82
N GLY A 65 22.39 -24.82 -13.64
CA GLY A 65 22.98 -23.50 -13.50
C GLY A 65 21.97 -22.41 -13.80
N GLU A 66 20.68 -22.80 -13.89
CA GLU A 66 19.57 -21.92 -14.19
C GLU A 66 19.14 -21.13 -12.96
N LEU A 67 18.72 -19.87 -13.18
CA LEU A 67 18.26 -19.00 -12.12
C LEU A 67 16.78 -19.20 -11.87
N VAL A 68 16.42 -19.20 -10.59
CA VAL A 68 15.05 -19.38 -10.12
C VAL A 68 14.68 -18.29 -9.11
N ALA A 69 13.37 -18.06 -8.96
CA ALA A 69 12.80 -17.18 -7.96
C ALA A 69 12.11 -18.12 -6.97
N ILE A 70 12.32 -17.89 -5.67
CA ILE A 70 11.68 -18.71 -4.65
C ILE A 70 10.76 -17.81 -3.84
N LYS A 71 9.44 -18.04 -3.95
CA LYS A 71 8.44 -17.31 -3.19
C LYS A 71 8.11 -18.10 -1.90
N LYS A 72 8.58 -17.59 -0.75
CA LYS A 72 8.39 -18.19 0.57
C LYS A 72 7.16 -17.54 1.20
N VAL A 73 6.10 -18.34 1.39
CA VAL A 73 4.80 -17.91 1.93
C VAL A 73 4.51 -18.64 3.26
N LEU A 74 4.32 -17.88 4.36
CA LEU A 74 4.01 -18.45 5.69
C LEU A 74 2.67 -19.21 5.63
N GLN A 75 2.65 -20.45 6.17
CA GLN A 75 1.51 -21.41 6.17
C GLN A 75 1.34 -22.06 4.80
N ASN A 81 -3.08 -21.54 0.44
CA ASN A 81 -4.21 -22.45 0.35
C ASN A 81 -4.61 -22.74 -1.10
N ARG A 82 -5.01 -21.70 -1.84
CA ARG A 82 -5.45 -21.83 -3.24
C ARG A 82 -4.31 -21.67 -4.22
N GLU A 83 -3.27 -20.88 -3.87
CA GLU A 83 -2.14 -20.57 -4.74
C GLU A 83 -1.47 -21.79 -5.37
N LEU A 84 -1.03 -22.76 -4.55
CA LEU A 84 -0.37 -23.99 -5.02
C LEU A 84 -1.25 -24.79 -5.97
N GLN A 85 -2.54 -24.97 -5.63
CA GLN A 85 -3.50 -25.73 -6.46
C GLN A 85 -3.66 -25.11 -7.84
N ILE A 86 -3.82 -23.76 -7.88
CA ILE A 86 -3.94 -22.98 -9.11
C ILE A 86 -2.64 -23.06 -9.91
N MET A 87 -1.48 -22.81 -9.26
CA MET A 87 -0.15 -22.85 -9.90
C MET A 87 0.19 -24.19 -10.54
N ARG A 88 -0.28 -25.30 -9.95
CA ARG A 88 -0.04 -26.66 -10.45
C ARG A 88 -0.87 -26.98 -11.70
N LYS A 89 -2.04 -26.32 -11.88
CA LYS A 89 -2.97 -26.50 -13.02
C LYS A 89 -2.51 -25.77 -14.30
N LEU A 90 -1.78 -24.65 -14.15
CA LEU A 90 -1.39 -23.77 -15.26
C LEU A 90 -0.15 -24.20 -16.04
N ASP A 91 -0.24 -24.06 -17.38
CA ASP A 91 0.79 -24.40 -18.35
C ASP A 91 0.60 -23.51 -19.59
N HIS A 92 1.17 -22.31 -19.53
CA HIS A 92 1.03 -21.30 -20.58
C HIS A 92 2.33 -20.50 -20.70
N CYS A 93 2.66 -20.10 -21.94
CA CYS A 93 3.86 -19.30 -22.26
C CYS A 93 3.89 -17.92 -21.58
N ASN A 94 2.71 -17.36 -21.23
CA ASN A 94 2.61 -16.05 -20.61
C ASN A 94 2.27 -16.10 -19.11
N ILE A 95 2.56 -17.23 -18.46
CA ILE A 95 2.37 -17.42 -17.02
C ILE A 95 3.70 -17.96 -16.47
N VAL A 96 4.17 -17.42 -15.33
CA VAL A 96 5.40 -17.84 -14.63
C VAL A 96 5.37 -19.37 -14.43
N ARG A 97 6.45 -20.06 -14.86
CA ARG A 97 6.54 -21.52 -14.75
C ARG A 97 6.92 -21.99 -13.36
N LEU A 98 6.08 -22.83 -12.75
CA LEU A 98 6.35 -23.46 -11.45
C LEU A 98 7.27 -24.66 -11.69
N ARG A 99 8.55 -24.55 -11.28
CA ARG A 99 9.55 -25.62 -11.42
C ARG A 99 9.45 -26.67 -10.33
N TYR A 100 9.46 -26.23 -9.06
CA TYR A 100 9.36 -27.12 -7.89
C TYR A 100 8.60 -26.42 -6.79
N PHE A 101 8.21 -27.18 -5.77
CA PHE A 101 7.59 -26.66 -4.55
C PHE A 101 8.02 -27.51 -3.37
N PHE A 102 8.24 -26.87 -2.21
CA PHE A 102 8.64 -27.53 -0.97
C PHE A 102 8.19 -26.72 0.24
N TYR A 103 7.95 -27.41 1.36
CA TYR A 103 7.59 -26.82 2.65
C TYR A 103 8.86 -26.79 3.48
N SER A 104 9.09 -25.71 4.26
CA SER A 104 10.33 -25.60 5.03
C SER A 104 10.19 -24.89 6.38
N SER A 105 11.35 -24.75 7.09
CA SER A 105 11.64 -24.06 8.35
C SER A 105 10.53 -24.09 9.39
N ASP A 110 9.71 -21.90 14.68
CA ASP A 110 8.71 -22.96 14.67
C ASP A 110 7.46 -22.55 13.85
N GLU A 111 7.66 -22.29 12.54
CA GLU A 111 6.61 -21.90 11.59
C GLU A 111 6.89 -22.46 10.20
N VAL A 112 5.87 -23.10 9.59
CA VAL A 112 5.95 -23.76 8.28
C VAL A 112 5.67 -22.78 7.13
N TYR A 113 6.51 -22.84 6.08
CA TYR A 113 6.38 -22.00 4.89
C TYR A 113 6.22 -22.83 3.61
N LEU A 114 5.41 -22.34 2.66
CA LEU A 114 5.27 -22.93 1.33
C LEU A 114 6.27 -22.17 0.45
N ASN A 115 7.19 -22.89 -0.21
CA ASN A 115 8.17 -22.30 -1.11
C ASN A 115 7.88 -22.71 -2.53
N LEU A 116 7.57 -21.73 -3.37
CA LEU A 116 7.29 -21.94 -4.79
C LEU A 116 8.56 -21.59 -5.55
N VAL A 117 9.12 -22.55 -6.30
CA VAL A 117 10.34 -22.39 -7.09
C VAL A 117 9.89 -22.13 -8.50
N LEU A 118 10.12 -20.91 -8.98
CA LEU A 118 9.68 -20.46 -10.30
C LEU A 118 10.86 -20.13 -11.19
N ASP A 119 10.74 -20.32 -12.51
CA ASP A 119 11.83 -19.92 -13.41
C ASP A 119 12.01 -18.41 -13.32
N TYR A 120 13.24 -17.94 -13.10
CA TYR A 120 13.54 -16.52 -12.93
C TYR A 120 13.35 -15.76 -14.23
N VAL A 121 12.72 -14.58 -14.13
CA VAL A 121 12.45 -13.63 -15.21
C VAL A 121 13.10 -12.31 -14.72
N PRO A 122 14.01 -11.67 -15.51
CA PRO A 122 14.78 -10.53 -14.98
C PRO A 122 14.06 -9.23 -14.65
N GLU A 123 12.98 -8.90 -15.36
CA GLU A 123 12.31 -7.63 -15.13
C GLU A 123 10.80 -7.71 -14.87
N THR A 124 10.19 -6.55 -14.62
CA THR A 124 8.75 -6.36 -14.45
C THR A 124 8.37 -5.14 -15.28
N VAL A 125 7.07 -5.06 -15.70
CA VAL A 125 6.49 -3.92 -16.42
C VAL A 125 6.62 -2.67 -15.52
N TYR A 126 6.40 -2.82 -14.20
CA TYR A 126 6.53 -1.73 -13.24
C TYR A 126 7.92 -1.05 -13.27
N ARG A 127 9.00 -1.85 -13.18
CA ARG A 127 10.38 -1.33 -13.17
C ARG A 127 10.72 -0.63 -14.49
N VAL A 128 10.30 -1.23 -15.62
CA VAL A 128 10.55 -0.66 -16.95
C VAL A 128 9.80 0.68 -17.09
N ALA A 129 8.52 0.70 -16.75
CA ALA A 129 7.66 1.88 -16.79
C ALA A 129 8.20 3.00 -15.87
N ARG A 130 8.70 2.63 -14.67
CA ARG A 130 9.29 3.59 -13.73
C ARG A 130 10.53 4.26 -14.30
N HIS A 131 11.43 3.49 -14.97
CA HIS A 131 12.62 4.04 -15.62
C HIS A 131 12.26 5.11 -16.65
N TYR A 132 11.19 4.87 -17.45
CA TYR A 132 10.72 5.82 -18.46
C TYR A 132 10.09 7.05 -17.82
N SER A 133 9.27 6.83 -16.79
CA SER A 133 8.57 7.85 -16.01
C SER A 133 9.57 8.82 -15.36
N ARG A 134 10.60 8.26 -14.67
CA ARG A 134 11.66 9.03 -14.00
C ARG A 134 12.49 9.86 -14.97
N ALA A 135 12.71 9.34 -16.20
CA ALA A 135 13.47 10.02 -17.26
C ALA A 135 12.58 10.95 -18.10
N LYS A 136 11.30 11.16 -17.67
CA LYS A 136 10.28 12.00 -18.32
C LYS A 136 10.06 11.61 -19.80
N GLN A 137 10.03 10.29 -20.06
CA GLN A 137 9.84 9.70 -21.40
C GLN A 137 8.68 8.72 -21.34
N THR A 138 7.99 8.52 -22.46
CA THR A 138 6.92 7.51 -22.49
C THR A 138 7.43 6.26 -23.18
N LEU A 139 7.01 5.10 -22.67
CA LEU A 139 7.37 3.78 -23.21
C LEU A 139 6.87 3.69 -24.65
N PRO A 140 7.76 3.36 -25.63
CA PRO A 140 7.30 3.23 -27.04
C PRO A 140 6.10 2.30 -27.12
N VAL A 141 5.09 2.69 -27.92
CA VAL A 141 3.80 1.99 -28.01
C VAL A 141 3.96 0.52 -28.51
N ILE A 142 5.05 0.18 -29.24
CA ILE A 142 5.33 -1.21 -29.64
C ILE A 142 5.43 -2.13 -28.40
N TYR A 143 6.09 -1.65 -27.32
CA TYR A 143 6.21 -2.37 -26.05
C TYR A 143 4.87 -2.45 -25.34
N VAL A 144 4.10 -1.34 -25.36
CA VAL A 144 2.77 -1.28 -24.75
C VAL A 144 1.87 -2.35 -25.43
N LYS A 145 1.92 -2.44 -26.77
CA LYS A 145 1.17 -3.42 -27.56
C LYS A 145 1.58 -4.85 -27.19
N LEU A 146 2.90 -5.13 -27.16
CA LEU A 146 3.47 -6.42 -26.82
C LEU A 146 3.12 -6.89 -25.42
N TYR A 147 3.27 -6.01 -24.42
CA TYR A 147 3.00 -6.38 -23.03
C TYR A 147 1.52 -6.55 -22.78
N MET A 148 0.68 -5.63 -23.31
CA MET A 148 -0.78 -5.73 -23.12
C MET A 148 -1.39 -6.93 -23.80
N TYR A 149 -0.91 -7.28 -25.01
CA TYR A 149 -1.41 -8.43 -25.77
C TYR A 149 -1.14 -9.73 -25.01
N GLN A 150 0.09 -9.90 -24.50
CA GLN A 150 0.52 -11.07 -23.73
C GLN A 150 -0.20 -11.18 -22.39
N LEU A 151 -0.53 -10.03 -21.76
CA LEU A 151 -1.31 -10.01 -20.53
C LEU A 151 -2.72 -10.52 -20.84
N PHE A 152 -3.36 -10.01 -21.92
CA PHE A 152 -4.72 -10.44 -22.30
C PHE A 152 -4.80 -11.92 -22.65
N ARG A 153 -3.76 -12.43 -23.31
CA ARG A 153 -3.66 -13.85 -23.66
C ARG A 153 -3.54 -14.71 -22.39
N SER A 154 -2.74 -14.26 -21.41
CA SER A 154 -2.59 -14.95 -20.11
C SER A 154 -3.95 -14.95 -19.36
N LEU A 155 -4.73 -13.86 -19.49
CA LEU A 155 -6.06 -13.71 -18.88
C LEU A 155 -7.09 -14.58 -19.56
N ALA A 156 -7.05 -14.69 -20.89
CA ALA A 156 -7.98 -15.53 -21.66
C ALA A 156 -7.82 -17.00 -21.26
N TYR A 157 -6.57 -17.40 -20.95
CA TYR A 157 -6.22 -18.75 -20.51
C TYR A 157 -6.72 -19.04 -19.09
N ILE A 158 -6.46 -18.15 -18.10
CA ILE A 158 -6.90 -18.41 -16.72
C ILE A 158 -8.43 -18.32 -16.58
N HIS A 159 -9.08 -17.36 -17.26
CA HIS A 159 -10.54 -17.20 -17.23
C HIS A 159 -11.28 -18.39 -17.88
N SER A 160 -10.61 -19.15 -18.78
CA SER A 160 -11.19 -20.35 -19.42
C SER A 160 -11.40 -21.48 -18.40
N PHE A 161 -10.66 -21.45 -17.26
CA PHE A 161 -10.76 -22.40 -16.15
C PHE A 161 -11.58 -21.82 -14.99
N GLY A 162 -12.12 -20.61 -15.21
CA GLY A 162 -12.89 -19.88 -14.20
C GLY A 162 -12.02 -19.29 -13.11
N ILE A 163 -10.70 -19.19 -13.35
CA ILE A 163 -9.72 -18.63 -12.40
C ILE A 163 -9.58 -17.12 -12.61
N CYS A 164 -9.89 -16.34 -11.56
CA CYS A 164 -9.74 -14.89 -11.55
C CYS A 164 -8.46 -14.57 -10.73
N HIS A 165 -7.51 -13.82 -11.32
CA HIS A 165 -6.24 -13.45 -10.68
C HIS A 165 -6.41 -12.56 -9.44
N ARG A 166 -7.27 -11.53 -9.57
CA ARG A 166 -7.63 -10.57 -8.51
C ARG A 166 -6.45 -9.72 -7.98
N ASP A 167 -5.36 -9.59 -8.75
CA ASP A 167 -4.20 -8.76 -8.39
C ASP A 167 -3.39 -8.34 -9.61
N ILE A 168 -4.09 -8.00 -10.72
CA ILE A 168 -3.44 -7.54 -11.94
C ILE A 168 -2.96 -6.12 -11.69
N LYS A 169 -1.64 -5.93 -11.78
CA LYS A 169 -0.90 -4.67 -11.58
C LYS A 169 0.47 -4.79 -12.27
N PRO A 170 1.19 -3.68 -12.59
CA PRO A 170 2.45 -3.80 -13.35
C PRO A 170 3.55 -4.64 -12.72
N GLN A 171 3.58 -4.67 -11.37
CA GLN A 171 4.56 -5.41 -10.54
C GLN A 171 4.43 -6.92 -10.75
N ASN A 172 3.24 -7.41 -11.11
CA ASN A 172 2.98 -8.84 -11.30
C ASN A 172 3.11 -9.28 -12.73
N LEU A 173 3.72 -8.41 -13.56
CA LEU A 173 3.91 -8.71 -14.97
C LEU A 173 5.42 -8.79 -15.19
N LEU A 174 5.92 -10.02 -15.22
CA LEU A 174 7.35 -10.30 -15.40
C LEU A 174 7.75 -10.17 -16.87
N LEU A 175 8.94 -9.62 -17.13
CA LEU A 175 9.46 -9.37 -18.48
C LEU A 175 10.87 -9.85 -18.71
N ASP A 176 11.13 -10.31 -19.92
CA ASP A 176 12.46 -10.60 -20.40
C ASP A 176 12.72 -9.39 -21.33
N PRO A 177 13.60 -8.44 -20.95
CA PRO A 177 13.78 -7.22 -21.79
C PRO A 177 14.29 -7.44 -23.21
N ASP A 178 15.05 -8.51 -23.45
CA ASP A 178 15.61 -8.82 -24.77
C ASP A 178 14.62 -9.47 -25.76
N THR A 179 13.77 -10.38 -25.27
CA THR A 179 12.80 -11.12 -26.10
C THR A 179 11.40 -10.54 -26.07
N ALA A 180 11.15 -9.61 -25.14
CA ALA A 180 9.86 -8.96 -24.85
C ALA A 180 8.73 -9.96 -24.46
N VAL A 181 9.12 -11.17 -23.98
CA VAL A 181 8.18 -12.20 -23.48
C VAL A 181 7.70 -11.74 -22.08
N LEU A 182 6.37 -11.66 -21.89
CA LEU A 182 5.75 -11.28 -20.62
C LEU A 182 5.18 -12.53 -19.92
N LYS A 183 5.36 -12.61 -18.58
CA LYS A 183 4.84 -13.71 -17.76
C LYS A 183 4.03 -13.15 -16.58
N LEU A 184 2.78 -13.59 -16.47
CA LEU A 184 1.92 -13.21 -15.34
C LEU A 184 2.37 -14.01 -14.12
N CYS A 185 2.47 -13.34 -12.97
CA CYS A 185 2.88 -13.99 -11.72
C CYS A 185 2.01 -13.54 -10.54
N ASP A 186 2.35 -14.06 -9.33
CA ASP A 186 1.70 -13.81 -8.04
C ASP A 186 0.23 -14.18 -8.05
N PHE A 187 -0.04 -15.48 -7.86
CA PHE A 187 -1.37 -16.05 -7.79
C PHE A 187 -1.87 -16.17 -6.33
N GLY A 188 -1.29 -15.35 -5.44
CA GLY A 188 -1.61 -15.29 -4.02
C GLY A 188 -2.99 -14.77 -3.68
N SER A 189 -3.62 -14.01 -4.60
CA SER A 189 -4.97 -13.47 -4.46
C SER A 189 -5.96 -14.25 -5.35
N ALA A 190 -5.44 -15.10 -6.26
CA ALA A 190 -6.22 -15.84 -7.25
C ALA A 190 -7.23 -16.78 -6.65
N LYS A 191 -8.42 -16.83 -7.25
CA LYS A 191 -9.52 -17.68 -6.79
C LYS A 191 -10.32 -18.20 -7.98
N GLN A 192 -10.78 -19.47 -7.89
CA GLN A 192 -11.64 -20.05 -8.91
C GLN A 192 -13.04 -19.62 -8.53
N LEU A 193 -13.60 -18.66 -9.28
CA LEU A 193 -14.93 -18.11 -9.02
C LEU A 193 -16.03 -19.09 -9.37
N VAL A 194 -16.99 -19.25 -8.44
CA VAL A 194 -18.13 -20.16 -8.55
C VAL A 194 -19.42 -19.34 -8.36
N ARG A 195 -20.29 -19.31 -9.39
CA ARG A 195 -21.56 -18.58 -9.38
C ARG A 195 -22.40 -18.97 -8.15
N GLY A 196 -22.92 -17.97 -7.45
CA GLY A 196 -23.71 -18.15 -6.24
C GLY A 196 -22.94 -18.04 -4.94
N GLU A 197 -21.64 -18.39 -4.97
CA GLU A 197 -20.74 -18.35 -3.81
C GLU A 197 -20.08 -16.97 -3.64
N PRO A 198 -20.17 -16.34 -2.42
CA PRO A 198 -19.61 -14.99 -2.24
C PRO A 198 -18.09 -14.87 -2.25
N ASN A 199 -17.61 -13.67 -2.62
CA ASN A 199 -16.17 -13.37 -2.66
C ASN A 199 -15.89 -12.04 -1.96
N VAL A 200 -14.69 -11.90 -1.35
CA VAL A 200 -14.28 -10.68 -0.65
C VAL A 200 -14.27 -9.46 -1.60
N SER A 201 -14.87 -8.34 -1.18
CA SER A 201 -14.93 -7.12 -1.99
C SER A 201 -13.60 -6.35 -1.94
N ILE A 203 -10.32 -6.51 -2.38
CA ILE A 203 -9.32 -7.30 -3.10
C ILE A 203 -8.75 -6.43 -4.23
N CYS A 204 -7.58 -6.84 -4.82
CA CYS A 204 -6.76 -6.16 -5.84
C CYS A 204 -6.08 -4.94 -5.21
N SER A 205 -4.98 -4.50 -5.83
CA SER A 205 -4.28 -3.29 -5.41
C SER A 205 -5.17 -2.11 -5.80
N ARG A 206 -5.37 -1.21 -4.83
CA ARG A 206 -6.24 -0.04 -4.88
C ARG A 206 -6.39 0.63 -6.25
N TYR A 207 -5.27 1.04 -6.86
CA TYR A 207 -5.27 1.77 -8.13
C TYR A 207 -5.87 0.96 -9.29
N TYR A 208 -5.85 -0.38 -9.19
CA TYR A 208 -6.30 -1.32 -10.22
C TYR A 208 -7.63 -2.00 -9.86
N ARG A 209 -8.22 -1.61 -8.73
CA ARG A 209 -9.48 -2.12 -8.20
C ARG A 209 -10.71 -1.65 -9.01
N ALA A 210 -11.47 -2.62 -9.55
CA ALA A 210 -12.71 -2.43 -10.32
C ALA A 210 -13.75 -1.69 -9.48
N PRO A 211 -14.57 -0.78 -10.07
CA PRO A 211 -15.51 0.00 -9.25
C PRO A 211 -16.56 -0.80 -8.50
N GLU A 212 -16.97 -1.98 -9.03
CA GLU A 212 -17.95 -2.84 -8.34
C GLU A 212 -17.42 -3.32 -6.98
N LEU A 213 -16.11 -3.57 -6.87
CA LEU A 213 -15.43 -4.00 -5.64
C LEU A 213 -15.48 -2.88 -4.60
N ILE A 214 -15.31 -1.60 -5.05
CA ILE A 214 -15.38 -0.40 -4.19
C ILE A 214 -16.82 -0.27 -3.67
N PHE A 215 -17.81 -0.55 -4.52
CA PHE A 215 -19.24 -0.52 -4.17
C PHE A 215 -19.64 -1.68 -3.25
N GLY A 216 -18.69 -2.56 -2.93
CA GLY A 216 -18.87 -3.69 -2.03
C GLY A 216 -19.48 -4.93 -2.64
N ALA A 217 -19.30 -5.16 -3.96
CA ALA A 217 -19.85 -6.35 -4.63
C ALA A 217 -19.17 -7.62 -4.14
N THR A 218 -19.98 -8.70 -3.99
CA THR A 218 -19.52 -10.03 -3.57
C THR A 218 -19.76 -11.05 -4.67
N ASP A 219 -20.58 -10.68 -5.68
CA ASP A 219 -20.92 -11.50 -6.83
C ASP A 219 -20.33 -10.89 -8.12
N TYR A 220 -19.02 -10.70 -8.11
CA TYR A 220 -18.29 -10.18 -9.25
C TYR A 220 -17.74 -11.34 -10.07
N THR A 221 -17.27 -11.04 -11.29
CA THR A 221 -16.71 -12.02 -12.23
C THR A 221 -15.25 -11.71 -12.53
N SER A 222 -14.65 -12.51 -13.43
CA SER A 222 -13.29 -12.41 -13.93
C SER A 222 -13.06 -11.10 -14.72
N SER A 223 -14.15 -10.33 -14.95
CA SER A 223 -14.13 -9.05 -15.62
C SER A 223 -13.43 -7.99 -14.74
N ILE A 224 -13.26 -8.27 -13.42
CA ILE A 224 -12.50 -7.38 -12.53
C ILE A 224 -11.03 -7.27 -13.00
N ASP A 225 -10.46 -8.38 -13.54
CA ASP A 225 -9.11 -8.45 -14.11
C ASP A 225 -9.01 -7.62 -15.37
N VAL A 226 -10.11 -7.54 -16.15
CA VAL A 226 -10.13 -6.73 -17.37
C VAL A 226 -10.04 -5.24 -17.01
N TRP A 227 -10.71 -4.81 -15.93
CA TRP A 227 -10.63 -3.42 -15.45
C TRP A 227 -9.19 -3.11 -15.07
N SER A 228 -8.56 -3.99 -14.27
CA SER A 228 -7.16 -3.87 -13.83
C SER A 228 -6.22 -3.78 -15.03
N ALA A 229 -6.39 -4.66 -16.04
CA ALA A 229 -5.60 -4.65 -17.29
C ALA A 229 -5.77 -3.30 -18.03
N GLY A 230 -6.99 -2.74 -18.01
CA GLY A 230 -7.28 -1.42 -18.58
C GLY A 230 -6.54 -0.32 -17.85
N CYS A 231 -6.45 -0.43 -16.49
CA CYS A 231 -5.70 0.50 -15.63
C CYS A 231 -4.22 0.42 -15.95
N VAL A 232 -3.68 -0.81 -16.18
CA VAL A 232 -2.27 -1.02 -16.57
C VAL A 232 -1.99 -0.33 -17.94
N LEU A 233 -2.85 -0.57 -18.94
CA LEU A 233 -2.72 0.07 -20.27
C LEU A 233 -2.66 1.58 -20.15
N ALA A 234 -3.65 2.18 -19.47
CA ALA A 234 -3.79 3.63 -19.27
C ALA A 234 -2.55 4.20 -18.60
N GLU A 235 -2.00 3.49 -17.60
CA GLU A 235 -0.78 3.84 -16.90
C GLU A 235 0.44 3.81 -17.86
N LEU A 236 0.54 2.79 -18.71
CA LEU A 236 1.64 2.68 -19.67
C LEU A 236 1.63 3.82 -20.72
N LEU A 237 0.43 4.34 -21.05
CA LEU A 237 0.26 5.43 -22.01
C LEU A 237 0.48 6.79 -21.36
N LEU A 238 0.09 6.92 -20.09
CA LEU A 238 0.14 8.15 -19.31
C LEU A 238 1.48 8.47 -18.66
N GLY A 239 2.19 7.45 -18.17
CA GLY A 239 3.46 7.61 -17.46
C GLY A 239 3.30 7.61 -15.96
N GLN A 240 2.05 7.44 -15.47
CA GLN A 240 1.67 7.38 -14.05
C GLN A 240 0.31 6.67 -13.89
N PRO A 241 -0.07 6.14 -12.69
CA PRO A 241 -1.40 5.50 -12.58
C PRO A 241 -2.54 6.45 -12.93
N ILE A 242 -3.53 5.96 -13.70
CA ILE A 242 -4.68 6.75 -14.12
C ILE A 242 -5.60 7.10 -12.92
N PHE A 243 -5.75 6.17 -11.95
CA PHE A 243 -6.62 6.41 -10.80
C PHE A 243 -5.88 6.27 -9.46
N PRO A 244 -5.09 7.30 -9.03
CA PRO A 244 -4.34 7.17 -7.78
C PRO A 244 -5.12 7.57 -6.52
N GLY A 245 -6.06 6.72 -6.10
CA GLY A 245 -6.86 6.96 -4.89
C GLY A 245 -6.03 6.93 -3.62
N ASP A 246 -6.31 7.83 -2.67
CA ASP A 246 -5.54 7.86 -1.41
C ASP A 246 -6.20 7.01 -0.29
N SER A 247 -7.22 6.22 -0.68
CA SER A 247 -7.98 5.26 0.13
C SER A 247 -8.86 4.43 -0.81
N GLY A 248 -9.39 3.32 -0.29
CA GLY A 248 -10.28 2.43 -1.03
C GLY A 248 -11.61 3.08 -1.40
N VAL A 249 -11.96 4.21 -0.74
CA VAL A 249 -13.18 5.01 -0.93
C VAL A 249 -12.91 6.16 -1.92
N ASP A 250 -11.79 6.90 -1.74
CA ASP A 250 -11.35 7.98 -2.63
C ASP A 250 -10.99 7.42 -4.02
N GLN A 251 -10.72 6.11 -4.09
CA GLN A 251 -10.44 5.41 -5.33
C GLN A 251 -11.61 5.56 -6.32
N LEU A 252 -12.86 5.53 -5.81
CA LEU A 252 -14.05 5.71 -6.63
C LEU A 252 -14.12 7.16 -7.15
N VAL A 253 -13.76 8.13 -6.30
CA VAL A 253 -13.71 9.56 -6.62
C VAL A 253 -12.72 9.81 -7.79
N GLU A 254 -11.56 9.12 -7.75
CA GLU A 254 -10.54 9.20 -8.81
C GLU A 254 -11.08 8.69 -10.15
N ILE A 255 -11.87 7.59 -10.11
CA ILE A 255 -12.51 7.01 -11.30
C ILE A 255 -13.56 8.00 -11.88
N ILE A 256 -14.38 8.61 -10.98
CA ILE A 256 -15.43 9.59 -11.34
C ILE A 256 -14.80 10.82 -12.04
N LYS A 257 -13.60 11.27 -11.59
CA LYS A 257 -12.84 12.38 -12.18
C LYS A 257 -12.48 12.19 -13.66
N VAL A 258 -12.64 10.95 -14.18
CA VAL A 258 -12.36 10.61 -15.58
C VAL A 258 -13.64 10.09 -16.26
N LEU A 259 -14.24 9.02 -15.71
CA LEU A 259 -15.42 8.35 -16.26
C LEU A 259 -16.77 9.05 -15.99
N GLY A 260 -16.78 10.01 -15.07
CA GLY A 260 -18.00 10.68 -14.65
C GLY A 260 -18.70 9.85 -13.58
N THR A 261 -19.82 10.34 -13.06
CA THR A 261 -20.60 9.64 -12.04
C THR A 261 -21.30 8.44 -12.67
N PRO A 262 -21.23 7.23 -12.06
CA PRO A 262 -21.96 6.09 -12.64
C PRO A 262 -23.47 6.28 -12.53
N THR A 263 -24.22 5.90 -13.57
CA THR A 263 -25.70 6.01 -13.58
C THR A 263 -26.28 4.99 -12.59
N ARG A 264 -27.57 5.13 -12.22
CA ARG A 264 -28.26 4.20 -11.32
C ARG A 264 -28.19 2.76 -11.88
N GLU A 265 -28.38 2.61 -13.21
CA GLU A 265 -28.31 1.35 -13.94
C GLU A 265 -26.91 0.74 -13.87
N GLN A 266 -25.85 1.57 -14.03
CA GLN A 266 -24.46 1.13 -13.93
C GLN A 266 -24.17 0.63 -12.51
N ILE A 267 -24.66 1.36 -11.48
CA ILE A 267 -24.56 1.01 -10.06
C ILE A 267 -25.25 -0.34 -9.79
N ARG A 268 -26.44 -0.57 -10.40
CA ARG A 268 -27.21 -1.82 -10.27
C ARG A 268 -26.49 -3.01 -10.88
N GLU A 269 -25.80 -2.81 -12.02
CA GLU A 269 -25.02 -3.84 -12.69
C GLU A 269 -23.72 -4.17 -11.95
N MET A 270 -23.16 -3.18 -11.22
CA MET A 270 -21.94 -3.31 -10.41
C MET A 270 -22.27 -4.01 -9.08
N ASN A 271 -23.22 -3.45 -8.32
CA ASN A 271 -23.70 -3.99 -7.05
C ASN A 271 -25.19 -3.67 -6.90
N PRO A 272 -26.09 -4.66 -7.16
CA PRO A 272 -27.54 -4.40 -7.04
C PRO A 272 -28.03 -4.12 -5.61
N ASN A 273 -27.24 -4.52 -4.59
CA ASN A 273 -27.57 -4.32 -3.18
C ASN A 273 -27.31 -2.89 -2.70
N TYR A 274 -26.46 -2.13 -3.44
CA TYR A 274 -26.13 -0.74 -3.10
C TYR A 274 -27.30 0.18 -3.46
N THR A 275 -27.88 0.83 -2.45
CA THR A 275 -29.04 1.72 -2.61
C THR A 275 -28.62 3.19 -2.82
N PHE A 279 -20.13 9.97 -3.96
CA PHE A 279 -20.18 10.07 -5.41
C PHE A 279 -20.58 11.50 -5.89
N PRO A 280 -19.61 12.29 -6.43
CA PRO A 280 -19.96 13.65 -6.91
C PRO A 280 -20.66 13.59 -8.28
N GLN A 281 -21.78 14.34 -8.45
CA GLN A 281 -22.56 14.33 -9.69
C GLN A 281 -21.97 15.23 -10.82
N ILE A 282 -20.98 14.67 -11.56
CA ILE A 282 -20.25 15.32 -12.66
C ILE A 282 -20.18 14.46 -13.95
N LYS A 283 -20.05 15.11 -15.10
CA LYS A 283 -19.96 14.45 -16.42
C LYS A 283 -18.58 13.86 -16.70
N ALA A 284 -18.53 12.86 -17.60
CA ALA A 284 -17.30 12.21 -18.02
C ALA A 284 -16.39 13.17 -18.76
N HIS A 285 -15.08 13.05 -18.51
CA HIS A 285 -14.05 13.85 -19.16
C HIS A 285 -13.71 13.18 -20.50
N PRO A 286 -13.53 13.96 -21.61
CA PRO A 286 -13.21 13.31 -22.91
C PRO A 286 -11.94 12.47 -22.83
N TRP A 287 -12.03 11.22 -23.33
CA TRP A 287 -10.94 10.24 -23.34
C TRP A 287 -9.65 10.71 -24.02
N THR A 288 -9.78 11.50 -25.10
CA THR A 288 -8.63 12.01 -25.85
C THR A 288 -7.84 13.03 -25.02
N LYS A 289 -8.52 13.87 -24.23
CA LYS A 289 -7.90 14.89 -23.39
C LYS A 289 -7.26 14.32 -22.09
N VAL A 290 -7.50 13.04 -21.79
CA VAL A 290 -6.93 12.32 -20.64
C VAL A 290 -5.44 12.05 -20.90
N PHE A 291 -5.12 11.61 -22.13
CA PHE A 291 -3.77 11.25 -22.57
C PHE A 291 -3.10 12.38 -23.36
N ARG A 292 -1.75 12.31 -23.52
CA ARG A 292 -0.97 13.32 -24.26
C ARG A 292 -1.45 13.45 -25.73
N PRO A 293 -1.40 14.66 -26.35
CA PRO A 293 -1.95 14.84 -27.71
C PRO A 293 -1.58 13.80 -28.78
N ARG A 294 -0.38 13.21 -28.72
CA ARG A 294 0.01 12.28 -29.78
C ARG A 294 -0.20 10.79 -29.45
N THR A 295 -1.00 10.48 -28.39
CA THR A 295 -1.35 9.11 -28.01
C THR A 295 -2.12 8.46 -29.17
N PRO A 296 -1.76 7.22 -29.64
CA PRO A 296 -2.51 6.59 -30.75
C PRO A 296 -4.01 6.48 -30.46
N PRO A 297 -4.91 6.85 -31.41
CA PRO A 297 -6.37 6.80 -31.13
C PRO A 297 -6.93 5.42 -30.83
N GLU A 298 -6.29 4.36 -31.37
CA GLU A 298 -6.69 2.97 -31.14
C GLU A 298 -6.39 2.56 -29.70
N ALA A 299 -5.33 3.13 -29.08
CA ALA A 299 -4.95 2.89 -27.68
C ALA A 299 -6.05 3.47 -26.77
N ILE A 300 -6.49 4.71 -27.10
CA ILE A 300 -7.55 5.47 -26.43
C ILE A 300 -8.88 4.70 -26.56
N ALA A 301 -9.21 4.20 -27.79
CA ALA A 301 -10.42 3.39 -28.04
C ALA A 301 -10.43 2.11 -27.21
N LEU A 302 -9.29 1.38 -27.17
CA LEU A 302 -9.17 0.15 -26.37
C LEU A 302 -9.38 0.45 -24.88
N CYS A 303 -8.75 1.53 -24.35
CA CYS A 303 -8.90 2.00 -22.96
C CYS A 303 -10.36 2.15 -22.57
N SER A 304 -11.15 2.86 -23.41
CA SER A 304 -12.58 3.13 -23.19
C SER A 304 -13.43 1.86 -23.14
N ARG A 305 -13.02 0.80 -23.87
CA ARG A 305 -13.74 -0.47 -23.91
C ARG A 305 -13.39 -1.41 -22.74
N LEU A 306 -12.30 -1.11 -22.02
CA LEU A 306 -11.87 -1.90 -20.87
C LEU A 306 -12.32 -1.25 -19.59
N LEU A 307 -12.28 0.09 -19.54
CA LEU A 307 -12.65 0.86 -18.36
C LEU A 307 -14.10 1.32 -18.42
N GLU A 308 -15.00 0.34 -18.37
CA GLU A 308 -16.45 0.56 -18.39
C GLU A 308 -17.01 0.29 -17.02
N TYR A 309 -17.99 1.11 -16.57
CA TYR A 309 -18.64 0.92 -15.28
C TYR A 309 -19.38 -0.41 -15.24
N THR A 310 -20.14 -0.74 -16.31
CA THR A 310 -20.90 -1.99 -16.42
C THR A 310 -19.92 -3.15 -16.66
N PRO A 311 -19.78 -4.12 -15.71
CA PRO A 311 -18.79 -5.21 -15.89
C PRO A 311 -18.95 -6.04 -17.16
N THR A 312 -20.21 -6.31 -17.55
CA THR A 312 -20.56 -7.07 -18.76
C THR A 312 -20.21 -6.32 -20.06
N ALA A 313 -20.21 -4.96 -20.02
CA ALA A 313 -19.90 -4.09 -21.17
C ALA A 313 -18.42 -4.13 -21.57
N ARG A 314 -17.54 -4.46 -20.60
CA ARG A 314 -16.09 -4.53 -20.80
C ARG A 314 -15.73 -5.69 -21.73
N LEU A 315 -14.70 -5.49 -22.58
CA LEU A 315 -14.22 -6.52 -23.51
C LEU A 315 -13.73 -7.75 -22.75
N THR A 316 -13.87 -8.94 -23.34
CA THR A 316 -13.33 -10.15 -22.73
C THR A 316 -11.83 -10.15 -23.10
N PRO A 317 -10.94 -10.89 -22.42
CA PRO A 317 -9.52 -10.87 -22.80
C PRO A 317 -9.23 -11.23 -24.26
N LEU A 318 -9.97 -12.18 -24.86
CA LEU A 318 -9.85 -12.59 -26.27
C LEU A 318 -10.22 -11.47 -27.25
N GLU A 319 -11.33 -10.74 -26.97
CA GLU A 319 -11.79 -9.60 -27.77
C GLU A 319 -10.75 -8.45 -27.68
N ALA A 320 -10.10 -8.29 -26.50
CA ALA A 320 -9.08 -7.26 -26.33
C ALA A 320 -7.90 -7.58 -27.26
N CYS A 321 -7.44 -8.86 -27.30
CA CYS A 321 -6.35 -9.32 -28.19
C CYS A 321 -6.64 -8.98 -29.66
N ALA A 322 -7.92 -9.12 -30.07
CA ALA A 322 -8.40 -8.87 -31.42
C ALA A 322 -8.50 -7.38 -31.79
N HIS A 323 -8.50 -6.47 -30.80
CA HIS A 323 -8.62 -5.02 -31.04
C HIS A 323 -7.57 -4.46 -32.03
N SER A 324 -7.94 -3.43 -32.81
CA SER A 324 -7.08 -2.77 -33.82
C SER A 324 -5.77 -2.18 -33.24
N PHE A 325 -5.71 -1.95 -31.92
CA PHE A 325 -4.49 -1.46 -31.26
C PHE A 325 -3.34 -2.46 -31.43
N PHE A 326 -3.68 -3.77 -31.55
CA PHE A 326 -2.71 -4.85 -31.70
C PHE A 326 -2.43 -5.23 -33.16
N ASP A 327 -2.85 -4.38 -34.13
CA ASP A 327 -2.65 -4.60 -35.57
C ASP A 327 -1.18 -4.74 -35.96
N GLU A 328 -0.31 -3.89 -35.40
CA GLU A 328 1.14 -3.91 -35.64
C GLU A 328 1.75 -5.27 -35.34
N LEU A 329 1.24 -5.95 -34.29
CA LEU A 329 1.73 -7.28 -33.88
C LEU A 329 1.39 -8.38 -34.88
N ARG A 330 0.34 -8.17 -35.70
CA ARG A 330 -0.13 -9.10 -36.75
C ARG A 330 0.55 -8.88 -38.11
N ASP A 331 1.31 -7.77 -38.25
CA ASP A 331 2.04 -7.43 -39.48
C ASP A 331 3.17 -8.46 -39.65
N PRO A 332 3.31 -9.15 -40.81
CA PRO A 332 4.41 -10.14 -40.94
C PRO A 332 5.82 -9.55 -40.83
N ASN A 333 5.97 -8.24 -41.11
CA ASN A 333 7.26 -7.53 -41.09
C ASN A 333 7.62 -6.96 -39.70
N VAL A 334 6.75 -7.15 -38.69
CA VAL A 334 6.96 -6.65 -37.33
C VAL A 334 8.24 -7.25 -36.68
N LYS A 335 9.02 -6.39 -36.03
CA LYS A 335 10.24 -6.77 -35.33
C LYS A 335 10.29 -5.98 -34.03
N LEU A 336 11.12 -6.44 -33.09
CA LEU A 336 11.34 -5.74 -31.84
C LEU A 336 12.30 -4.58 -32.17
N PRO A 337 12.32 -3.47 -31.37
CA PRO A 337 13.27 -2.37 -31.66
C PRO A 337 14.75 -2.76 -31.75
N ASN A 338 15.14 -3.86 -31.08
CA ASN A 338 16.52 -4.38 -31.13
C ASN A 338 16.81 -5.21 -32.39
N GLY A 339 15.83 -5.31 -33.30
CA GLY A 339 15.96 -6.04 -34.56
C GLY A 339 15.55 -7.49 -34.56
N ARG A 340 15.41 -8.10 -33.37
CA ARG A 340 15.02 -9.50 -33.21
C ARG A 340 13.52 -9.70 -33.51
N ASP A 341 13.12 -10.96 -33.74
CA ASP A 341 11.73 -11.33 -33.97
C ASP A 341 10.92 -11.16 -32.68
N THR A 342 9.63 -10.88 -32.82
CA THR A 342 8.70 -10.75 -31.69
C THR A 342 8.46 -12.17 -31.13
N PRO A 343 8.00 -12.35 -29.86
CA PRO A 343 7.71 -13.71 -29.37
C PRO A 343 6.53 -14.36 -30.12
N ALA A 344 6.28 -15.67 -29.92
CA ALA A 344 5.18 -16.40 -30.56
C ALA A 344 3.85 -15.88 -29.98
N LEU A 345 3.11 -15.10 -30.78
CA LEU A 345 1.88 -14.44 -30.35
C LEU A 345 0.57 -15.08 -30.81
N PHE A 346 0.63 -15.96 -31.83
CA PHE A 346 -0.59 -16.53 -32.41
C PHE A 346 -0.71 -18.06 -32.34
N ASN A 347 0.11 -18.71 -31.50
CA ASN A 347 0.07 -20.16 -31.31
C ASN A 347 -1.02 -20.52 -30.27
N PHE A 348 -2.26 -20.06 -30.55
CA PHE A 348 -3.42 -20.27 -29.68
C PHE A 348 -3.88 -21.73 -29.63
N THR A 349 -4.27 -22.19 -28.43
CA THR A 349 -4.82 -23.53 -28.21
C THR A 349 -6.35 -23.42 -28.27
N THR A 350 -7.04 -24.58 -28.31
CA THR A 350 -8.50 -24.66 -28.31
C THR A 350 -9.04 -24.06 -26.99
N GLN A 351 -8.29 -24.24 -25.88
CA GLN A 351 -8.59 -23.77 -24.53
C GLN A 351 -8.73 -22.24 -24.46
N GLU A 352 -7.75 -21.50 -24.99
CA GLU A 352 -7.73 -20.03 -25.00
C GLU A 352 -8.86 -19.46 -25.86
N LEU A 353 -9.13 -20.12 -27.00
CA LEU A 353 -10.16 -19.72 -27.96
C LEU A 353 -11.60 -20.11 -27.55
N SER A 354 -11.78 -21.01 -26.55
CA SER A 354 -13.06 -21.55 -26.07
C SER A 354 -14.16 -20.51 -25.77
N SER A 355 -13.79 -19.30 -25.30
CA SER A 355 -14.75 -18.23 -25.02
C SER A 355 -15.46 -17.76 -26.30
N ASN A 356 -14.73 -17.69 -27.43
CA ASN A 356 -15.24 -17.30 -28.74
C ASN A 356 -14.44 -18.01 -29.88
N PRO A 357 -14.73 -19.30 -30.19
CA PRO A 357 -13.97 -20.00 -31.26
C PRO A 357 -13.91 -19.28 -32.62
N PRO A 358 -15.00 -18.66 -33.20
CA PRO A 358 -14.84 -17.97 -34.49
C PRO A 358 -13.88 -16.76 -34.49
N LEU A 359 -13.36 -16.33 -33.32
CA LEU A 359 -12.39 -15.22 -33.23
C LEU A 359 -11.01 -15.60 -33.77
N ALA A 360 -10.74 -16.93 -33.87
CA ALA A 360 -9.47 -17.51 -34.35
C ALA A 360 -9.02 -16.97 -35.71
N THR A 361 -9.95 -16.78 -36.65
CA THR A 361 -9.67 -16.26 -38.00
C THR A 361 -9.18 -14.81 -37.98
N ILE A 362 -9.70 -14.02 -37.04
CA ILE A 362 -9.36 -12.61 -36.84
C ILE A 362 -8.06 -12.48 -36.02
N LEU A 363 -7.89 -13.36 -35.03
CA LEU A 363 -6.70 -13.39 -34.18
C LEU A 363 -5.46 -13.91 -34.88
N ILE A 364 -5.60 -14.98 -35.69
CA ILE A 364 -4.46 -15.62 -36.36
C ILE A 364 -4.29 -15.03 -37.78
N PRO A 365 -3.22 -14.21 -38.01
CA PRO A 365 -3.03 -13.65 -39.36
C PRO A 365 -2.64 -14.72 -40.39
N PRO A 366 -2.97 -14.52 -41.71
CA PRO A 366 -2.69 -15.57 -42.71
C PRO A 366 -1.27 -16.17 -42.72
N HIS A 367 -0.23 -15.36 -42.44
CA HIS A 367 1.15 -15.84 -42.45
C HIS A 367 1.42 -16.89 -41.37
N ALA A 368 0.76 -16.78 -40.21
CA ALA A 368 0.90 -17.70 -39.08
C ALA A 368 0.18 -19.03 -39.33
N LYS B 22 -33.88 9.27 9.91
CA LYS B 22 -33.15 8.00 10.00
C LYS B 22 -32.15 8.00 11.16
N VAL B 23 -32.51 7.31 12.24
CA VAL B 23 -31.73 7.21 13.47
C VAL B 23 -31.27 5.77 13.73
N THR B 24 -29.98 5.59 13.98
CA THR B 24 -29.43 4.28 14.33
C THR B 24 -29.18 4.24 15.83
N THR B 25 -29.81 3.29 16.53
CA THR B 25 -29.62 3.12 17.96
C THR B 25 -28.86 1.82 18.22
N VAL B 26 -27.74 1.93 18.92
CA VAL B 26 -26.89 0.80 19.31
C VAL B 26 -26.78 0.78 20.84
N VAL B 27 -26.31 -0.34 21.40
CA VAL B 27 -26.08 -0.49 22.84
C VAL B 27 -24.58 -0.57 22.96
N ALA B 28 -23.97 0.53 23.39
CA ALA B 28 -22.51 0.68 23.42
C ALA B 28 -21.90 0.88 24.78
N THR B 29 -20.68 0.38 24.97
CA THR B 29 -19.91 0.50 26.21
C THR B 29 -18.98 1.71 26.11
N PRO B 30 -19.00 2.66 27.08
CA PRO B 30 -18.06 3.79 27.03
C PRO B 30 -16.62 3.27 27.12
N GLY B 31 -15.71 3.87 26.36
CA GLY B 31 -14.30 3.44 26.32
C GLY B 31 -13.54 3.62 27.62
N ASP B 35 -17.16 -1.66 31.40
CA ASP B 35 -18.08 -1.05 32.35
C ASP B 35 -19.52 -1.49 32.06
N ARG B 36 -20.43 -0.53 31.77
CA ARG B 36 -21.85 -0.82 31.54
C ARG B 36 -22.35 -0.27 30.21
N PRO B 37 -22.98 -1.12 29.38
CA PRO B 37 -23.50 -0.62 28.10
C PRO B 37 -24.70 0.32 28.25
N GLN B 38 -24.77 1.31 27.37
CA GLN B 38 -25.84 2.29 27.34
C GLN B 38 -26.32 2.45 25.91
N GLU B 39 -27.56 2.91 25.72
CA GLU B 39 -28.11 3.15 24.41
C GLU B 39 -27.51 4.42 23.82
N VAL B 40 -26.97 4.31 22.61
CA VAL B 40 -26.34 5.43 21.90
C VAL B 40 -27.04 5.56 20.53
N SER B 41 -27.60 6.75 20.25
CA SER B 41 -28.27 7.04 18.98
C SER B 41 -27.46 7.98 18.10
N TYR B 42 -27.43 7.69 16.79
CA TYR B 42 -26.72 8.54 15.84
C TYR B 42 -27.43 8.64 14.48
N THR B 43 -27.08 9.68 13.73
CA THR B 43 -27.66 9.99 12.43
C THR B 43 -26.58 10.35 11.40
N ASP B 44 -27.02 10.67 10.15
CA ASP B 44 -26.20 11.12 9.02
C ASP B 44 -24.96 10.26 8.77
N THR B 45 -25.12 8.93 8.85
CA THR B 45 -23.95 8.05 8.74
C THR B 45 -23.56 7.91 7.25
N LYS B 46 -22.26 8.12 6.98
CA LYS B 46 -21.65 8.05 5.65
C LYS B 46 -20.25 7.46 5.71
N VAL B 47 -19.86 6.74 4.64
CA VAL B 47 -18.54 6.12 4.54
C VAL B 47 -17.50 7.20 4.26
N ILE B 48 -16.41 7.23 5.06
CA ILE B 48 -15.32 8.19 4.87
C ILE B 48 -13.96 7.51 4.62
N GLY B 49 -13.90 6.19 4.83
CA GLY B 49 -12.69 5.39 4.68
C GLY B 49 -12.94 3.90 4.61
N ASN B 50 -11.90 3.16 4.18
CA ASN B 50 -11.86 1.71 3.93
C ASN B 50 -10.44 1.19 4.22
N GLY B 51 -10.30 -0.13 4.26
CA GLY B 51 -9.01 -0.77 4.48
C GLY B 51 -9.12 -2.26 4.72
N SER B 52 -7.96 -2.89 4.99
CA SER B 52 -7.86 -4.33 5.26
C SER B 52 -8.68 -4.73 6.50
N PHE B 53 -8.68 -3.83 7.52
CA PHE B 53 -9.41 -3.93 8.80
C PHE B 53 -10.92 -3.97 8.59
N GLY B 54 -11.42 -3.10 7.70
CA GLY B 54 -12.83 -2.93 7.37
C GLY B 54 -13.17 -1.53 6.87
N VAL B 55 -14.24 -0.91 7.43
CA VAL B 55 -14.81 0.38 7.02
C VAL B 55 -14.82 1.45 8.15
N VAL B 56 -14.59 2.74 7.78
CA VAL B 56 -14.65 3.92 8.66
C VAL B 56 -15.85 4.77 8.24
N TYR B 57 -16.77 5.05 9.18
CA TYR B 57 -17.97 5.84 8.93
C TYR B 57 -17.88 7.14 9.69
N GLN B 58 -18.61 8.17 9.26
CA GLN B 58 -18.78 9.42 10.01
C GLN B 58 -20.25 9.40 10.40
N ALA B 59 -20.58 9.85 11.63
CA ALA B 59 -21.96 9.92 12.10
C ALA B 59 -22.13 11.11 13.05
N LYS B 60 -23.37 11.50 13.32
CA LYS B 60 -23.67 12.59 14.25
C LYS B 60 -24.44 12.04 15.45
N LEU B 61 -23.88 12.18 16.66
CA LEU B 61 -24.53 11.74 17.91
C LEU B 61 -25.80 12.56 18.14
N CYS B 62 -26.92 11.89 18.47
CA CYS B 62 -28.23 12.53 18.65
C CYS B 62 -28.32 13.49 19.84
N ASP B 63 -27.62 13.20 20.95
CA ASP B 63 -27.71 14.02 22.17
C ASP B 63 -27.10 15.42 22.05
N SER B 64 -25.83 15.48 21.63
CA SER B 64 -25.03 16.70 21.54
C SER B 64 -24.82 17.28 20.13
N GLY B 65 -25.11 16.48 19.10
CA GLY B 65 -24.85 16.88 17.71
C GLY B 65 -23.39 16.70 17.35
N GLU B 66 -22.58 16.12 18.27
CA GLU B 66 -21.14 15.88 18.09
C GLU B 66 -20.86 14.85 17.01
N LEU B 67 -19.88 15.14 16.16
CA LEU B 67 -19.50 14.25 15.08
C LEU B 67 -18.57 13.17 15.60
N VAL B 68 -18.74 11.96 15.09
CA VAL B 68 -17.93 10.81 15.47
C VAL B 68 -17.47 10.07 14.23
N ALA B 69 -16.39 9.29 14.38
CA ALA B 69 -15.90 8.38 13.36
C ALA B 69 -16.18 7.00 13.95
N ILE B 70 -16.67 6.06 13.13
CA ILE B 70 -16.97 4.71 13.57
C ILE B 70 -16.10 3.78 12.73
N LYS B 71 -15.10 3.15 13.38
CA LYS B 71 -14.21 2.21 12.74
C LYS B 71 -14.79 0.82 12.99
N LYS B 72 -15.22 0.14 11.90
CA LYS B 72 -15.83 -1.18 11.95
C LYS B 72 -14.83 -2.24 11.47
N VAL B 73 -14.42 -3.14 12.38
CA VAL B 73 -13.41 -4.18 12.15
C VAL B 73 -14.00 -5.58 12.39
N LEU B 74 -13.55 -6.56 11.60
CA LEU B 74 -13.94 -7.97 11.71
C LEU B 74 -13.31 -8.54 12.99
N GLN B 75 -14.16 -9.02 13.93
CA GLN B 75 -13.83 -9.59 15.24
C GLN B 75 -12.76 -8.83 16.03
N ASN B 81 -9.46 -8.18 19.48
CA ASN B 81 -9.46 -7.67 20.84
C ASN B 81 -8.19 -6.90 21.24
N ARG B 82 -7.07 -7.12 20.52
CA ARG B 82 -5.78 -6.45 20.80
C ARG B 82 -5.90 -4.93 20.72
N GLU B 83 -6.54 -4.42 19.65
CA GLU B 83 -6.74 -2.99 19.44
C GLU B 83 -7.65 -2.38 20.50
N LEU B 84 -8.80 -3.04 20.77
CA LEU B 84 -9.78 -2.61 21.78
C LEU B 84 -9.12 -2.46 23.16
N GLN B 85 -8.37 -3.48 23.58
CA GLN B 85 -7.65 -3.51 24.86
C GLN B 85 -6.64 -2.37 24.99
N ILE B 86 -5.97 -2.02 23.89
CA ILE B 86 -5.03 -0.90 23.87
C ILE B 86 -5.80 0.42 24.00
N MET B 87 -6.85 0.60 23.18
CA MET B 87 -7.70 1.81 23.13
C MET B 87 -8.36 2.16 24.46
N ARG B 88 -8.82 1.15 25.22
CA ARG B 88 -9.49 1.34 26.50
C ARG B 88 -8.54 1.86 27.59
N LYS B 89 -7.23 1.66 27.42
CA LYS B 89 -6.19 2.10 28.36
C LYS B 89 -5.80 3.55 28.16
N LEU B 90 -5.98 4.08 26.94
CA LEU B 90 -5.52 5.41 26.55
C LEU B 90 -6.52 6.54 26.77
N ASP B 91 -5.99 7.63 27.37
CA ASP B 91 -6.71 8.88 27.68
C ASP B 91 -5.67 10.00 27.70
N HIS B 92 -5.45 10.63 26.54
CA HIS B 92 -4.47 11.71 26.36
C HIS B 92 -4.96 12.68 25.29
N CYS B 93 -4.66 13.98 25.46
CA CYS B 93 -5.08 15.05 24.53
C CYS B 93 -4.50 14.92 23.10
N ASN B 94 -3.49 14.05 22.89
CA ASN B 94 -2.88 13.83 21.58
C ASN B 94 -3.14 12.42 21.02
N ILE B 95 -4.15 11.73 21.55
CA ILE B 95 -4.60 10.41 21.08
C ILE B 95 -6.11 10.54 20.82
N VAL B 96 -6.59 10.04 19.64
CA VAL B 96 -7.99 10.03 19.24
C VAL B 96 -8.82 9.43 20.38
N ARG B 97 -9.87 10.13 20.81
CA ARG B 97 -10.69 9.67 21.94
C ARG B 97 -11.66 8.57 21.57
N LEU B 98 -11.57 7.43 22.27
CA LEU B 98 -12.52 6.34 22.10
C LEU B 98 -13.70 6.67 23.00
N ARG B 99 -14.80 7.09 22.38
CA ARG B 99 -16.05 7.44 23.06
C ARG B 99 -16.82 6.20 23.50
N TYR B 100 -17.02 5.22 22.57
CA TYR B 100 -17.78 4.00 22.81
C TYR B 100 -17.31 2.86 21.94
N PHE B 101 -17.72 1.65 22.28
CA PHE B 101 -17.51 0.49 21.45
C PHE B 101 -18.77 -0.38 21.48
N PHE B 102 -19.10 -0.97 20.34
CA PHE B 102 -20.28 -1.83 20.24
C PHE B 102 -20.06 -2.93 19.21
N TYR B 103 -20.88 -3.98 19.30
CA TYR B 103 -20.80 -5.11 18.39
C TYR B 103 -21.99 -5.15 17.44
N SER B 104 -21.74 -5.57 16.19
CA SER B 104 -22.77 -5.66 15.15
C SER B 104 -22.41 -6.74 14.11
N SER B 105 -23.18 -6.79 12.99
CA SER B 105 -23.02 -7.67 11.83
C SER B 105 -22.38 -6.87 10.67
N GLY B 106 -21.98 -7.56 9.59
CA GLY B 106 -21.34 -6.91 8.43
C GLY B 106 -21.24 -7.74 7.17
N GLU B 107 -20.22 -7.43 6.31
CA GLU B 107 -19.99 -8.10 5.01
C GLU B 107 -19.95 -9.63 5.11
N LYS B 108 -19.02 -10.21 5.91
CA LYS B 108 -18.89 -11.66 6.11
C LYS B 108 -20.17 -12.21 6.73
N LYS B 109 -20.81 -13.21 6.06
CA LYS B 109 -22.06 -13.87 6.48
C LYS B 109 -22.04 -14.15 7.98
N ASP B 110 -23.04 -13.59 8.70
CA ASP B 110 -23.18 -13.59 10.17
C ASP B 110 -21.99 -12.78 10.71
N GLU B 111 -20.98 -13.44 11.36
CA GLU B 111 -19.72 -12.87 11.89
C GLU B 111 -19.89 -11.63 12.79
N VAL B 112 -19.10 -11.53 13.86
CA VAL B 112 -19.22 -10.38 14.76
C VAL B 112 -18.23 -9.29 14.38
N TYR B 113 -18.72 -8.05 14.28
CA TYR B 113 -17.89 -6.90 14.00
C TYR B 113 -17.79 -6.03 15.23
N LEU B 114 -16.58 -5.55 15.51
CA LEU B 114 -16.28 -4.61 16.57
C LEU B 114 -16.36 -3.22 15.93
N ASN B 115 -17.08 -2.30 16.59
CA ASN B 115 -17.24 -0.92 16.14
C ASN B 115 -16.66 0.00 17.18
N LEU B 116 -15.65 0.77 16.81
CA LEU B 116 -15.00 1.73 17.69
C LEU B 116 -15.52 3.12 17.35
N VAL B 117 -16.14 3.80 18.32
CA VAL B 117 -16.72 5.13 18.15
C VAL B 117 -15.69 6.14 18.66
N LEU B 118 -15.12 6.92 17.77
CA LEU B 118 -14.09 7.91 18.10
C LEU B 118 -14.57 9.32 17.87
N ASP B 119 -14.03 10.32 18.60
CA ASP B 119 -14.37 11.73 18.35
C ASP B 119 -13.88 12.08 16.95
N TYR B 120 -14.75 12.69 16.13
CA TYR B 120 -14.36 13.02 14.76
C TYR B 120 -13.38 14.18 14.72
N VAL B 121 -12.31 14.01 13.94
CA VAL B 121 -11.27 15.02 13.72
C VAL B 121 -11.27 15.28 12.20
N PRO B 122 -11.49 16.53 11.72
CA PRO B 122 -11.72 16.75 10.27
C PRO B 122 -10.55 16.60 9.30
N GLU B 123 -9.31 16.74 9.76
CA GLU B 123 -8.16 16.65 8.85
C GLU B 123 -7.08 15.70 9.33
N THR B 124 -6.04 15.54 8.51
CA THR B 124 -4.85 14.74 8.82
C THR B 124 -3.65 15.58 8.41
N VAL B 125 -2.46 15.24 8.94
CA VAL B 125 -1.20 15.90 8.56
C VAL B 125 -0.95 15.66 7.06
N TYR B 126 -1.24 14.44 6.55
CA TYR B 126 -1.07 14.07 5.14
C TYR B 126 -1.79 15.03 4.18
N ARG B 127 -3.09 15.28 4.42
CA ARG B 127 -3.94 16.15 3.59
C ARG B 127 -3.52 17.61 3.66
N VAL B 128 -3.18 18.10 4.86
CA VAL B 128 -2.72 19.48 5.08
C VAL B 128 -1.40 19.67 4.35
N ALA B 129 -0.45 18.73 4.50
CA ALA B 129 0.84 18.75 3.79
C ALA B 129 0.63 18.64 2.27
N ARG B 130 -0.41 17.87 1.83
CA ARG B 130 -0.76 17.72 0.41
C ARG B 130 -1.21 19.06 -0.20
N HIS B 131 -1.97 19.89 0.56
CA HIS B 131 -2.40 21.23 0.12
C HIS B 131 -1.19 22.07 -0.29
N TYR B 132 -0.12 22.07 0.52
CA TYR B 132 1.12 22.81 0.25
C TYR B 132 1.92 22.23 -0.92
N SER B 133 2.07 20.89 -0.97
CA SER B 133 2.77 20.15 -2.03
C SER B 133 2.18 20.43 -3.40
N ARG B 134 0.84 20.46 -3.49
CA ARG B 134 0.08 20.73 -4.70
C ARG B 134 0.28 22.16 -5.20
N ALA B 135 0.50 23.11 -4.27
CA ALA B 135 0.74 24.53 -4.57
C ALA B 135 2.25 24.84 -4.73
N LYS B 136 3.10 23.78 -4.70
CA LYS B 136 4.56 23.81 -4.81
C LYS B 136 5.21 24.57 -3.65
N GLN B 137 4.51 24.63 -2.51
CA GLN B 137 4.99 25.30 -1.29
C GLN B 137 5.28 24.26 -0.21
N THR B 138 6.04 24.63 0.80
CA THR B 138 6.33 23.74 1.91
C THR B 138 5.56 24.24 3.12
N LEU B 139 5.14 23.32 3.98
CA LEU B 139 4.43 23.63 5.20
C LEU B 139 5.28 24.61 6.05
N PRO B 140 4.71 25.73 6.58
CA PRO B 140 5.52 26.65 7.41
C PRO B 140 6.09 25.91 8.61
N VAL B 141 7.39 26.16 8.93
CA VAL B 141 8.15 25.48 9.99
C VAL B 141 7.41 25.48 11.36
N ILE B 142 6.58 26.51 11.65
CA ILE B 142 5.79 26.57 12.89
C ILE B 142 4.82 25.36 12.97
N TYR B 143 4.19 24.99 11.84
CA TYR B 143 3.28 23.85 11.77
C TYR B 143 4.06 22.55 11.92
N VAL B 144 5.26 22.47 11.31
CA VAL B 144 6.18 21.34 11.42
C VAL B 144 6.51 21.12 12.92
N LYS B 145 6.83 22.23 13.63
CA LYS B 145 7.13 22.26 15.05
C LYS B 145 5.96 21.80 15.89
N LEU B 146 4.75 22.35 15.67
CA LEU B 146 3.55 21.98 16.41
C LEU B 146 3.11 20.54 16.20
N TYR B 147 3.10 20.07 14.94
CA TYR B 147 2.67 18.70 14.62
C TYR B 147 3.61 17.66 15.17
N MET B 148 4.94 17.82 14.96
CA MET B 148 5.98 16.91 15.44
C MET B 148 6.05 16.82 16.96
N TYR B 149 5.95 17.96 17.67
CA TYR B 149 5.97 17.98 19.13
C TYR B 149 4.82 17.15 19.70
N GLN B 150 3.59 17.38 19.20
CA GLN B 150 2.40 16.66 19.65
C GLN B 150 2.49 15.17 19.33
N LEU B 151 3.09 14.81 18.18
CA LEU B 151 3.31 13.42 17.82
C LEU B 151 4.28 12.79 18.84
N PHE B 152 5.40 13.47 19.14
CA PHE B 152 6.36 12.98 20.12
C PHE B 152 5.76 12.86 21.53
N ARG B 153 4.88 13.82 21.92
CA ARG B 153 4.19 13.76 23.21
C ARG B 153 3.25 12.54 23.27
N SER B 154 2.52 12.24 22.16
CA SER B 154 1.62 11.07 22.10
C SER B 154 2.42 9.76 22.16
N LEU B 155 3.63 9.75 21.56
CA LEU B 155 4.53 8.58 21.56
C LEU B 155 5.09 8.27 22.94
N ALA B 156 5.48 9.31 23.71
CA ALA B 156 6.01 9.16 25.08
C ALA B 156 4.92 8.57 25.98
N TYR B 157 3.66 8.97 25.78
CA TYR B 157 2.53 8.48 26.55
C TYR B 157 2.25 7.00 26.26
N ILE B 158 2.08 6.61 24.99
CA ILE B 158 1.80 5.22 24.62
C ILE B 158 2.96 4.28 24.96
N HIS B 159 4.23 4.72 24.76
CA HIS B 159 5.42 3.90 25.06
C HIS B 159 5.56 3.58 26.54
N SER B 160 5.03 4.45 27.44
CA SER B 160 5.05 4.23 28.90
C SER B 160 4.19 3.03 29.34
N PHE B 161 3.29 2.57 28.48
CA PHE B 161 2.45 1.37 28.71
C PHE B 161 3.11 0.16 28.03
N GLY B 162 4.21 0.39 27.31
CA GLY B 162 4.89 -0.64 26.56
C GLY B 162 4.24 -0.86 25.21
N ILE B 163 3.29 0.04 24.85
CA ILE B 163 2.55 0.02 23.58
C ILE B 163 3.36 0.70 22.49
N CYS B 164 3.60 -0.02 21.39
CA CYS B 164 4.26 0.47 20.19
C CYS B 164 3.18 0.56 19.12
N HIS B 165 3.03 1.74 18.49
CA HIS B 165 2.01 1.99 17.47
C HIS B 165 2.20 1.16 16.21
N ARG B 166 3.44 1.08 15.69
CA ARG B 166 3.87 0.29 14.52
C ARG B 166 3.22 0.72 13.21
N ASP B 167 2.58 1.90 13.14
CA ASP B 167 2.02 2.43 11.90
C ASP B 167 2.06 3.97 11.88
N ILE B 168 3.18 4.54 12.32
CA ILE B 168 3.38 5.98 12.34
C ILE B 168 3.61 6.49 10.92
N LYS B 169 2.67 7.32 10.45
CA LYS B 169 2.67 7.92 9.11
C LYS B 169 1.78 9.19 9.15
N PRO B 170 1.93 10.17 8.21
CA PRO B 170 1.10 11.39 8.30
C PRO B 170 -0.42 11.18 8.15
N GLN B 171 -0.86 10.08 7.51
CA GLN B 171 -2.28 9.73 7.35
C GLN B 171 -2.91 9.32 8.70
N ASN B 172 -2.10 8.84 9.66
CA ASN B 172 -2.56 8.43 10.99
C ASN B 172 -2.40 9.53 12.04
N LEU B 173 -2.19 10.76 11.59
CA LEU B 173 -2.05 11.92 12.46
C LEU B 173 -3.19 12.86 12.14
N LEU B 174 -4.25 12.78 12.95
CA LEU B 174 -5.44 13.60 12.80
C LEU B 174 -5.17 15.02 13.25
N LEU B 175 -5.78 16.01 12.57
CA LEU B 175 -5.59 17.42 12.87
C LEU B 175 -6.88 18.21 12.93
N ASP B 176 -6.97 19.11 13.90
CA ASP B 176 -8.03 20.10 13.94
C ASP B 176 -7.36 21.35 13.31
N PRO B 177 -7.66 21.73 12.04
CA PRO B 177 -6.95 22.85 11.40
C PRO B 177 -6.99 24.21 12.10
N ASP B 178 -8.05 24.51 12.86
CA ASP B 178 -8.19 25.78 13.56
C ASP B 178 -7.31 25.88 14.82
N THR B 179 -7.37 24.85 15.69
CA THR B 179 -6.66 24.80 16.97
C THR B 179 -5.23 24.24 16.87
N ALA B 180 -4.92 23.58 15.75
CA ALA B 180 -3.66 22.89 15.44
C ALA B 180 -3.41 21.71 16.42
N VAL B 181 -4.48 21.20 17.05
CA VAL B 181 -4.41 20.02 17.94
C VAL B 181 -4.24 18.79 17.03
N LEU B 182 -3.22 17.99 17.31
CA LEU B 182 -2.92 16.75 16.61
C LEU B 182 -3.38 15.59 17.50
N LYS B 183 -3.94 14.54 16.88
CA LYS B 183 -4.33 13.33 17.59
C LYS B 183 -3.88 12.12 16.81
N LEU B 184 -3.09 11.29 17.46
CA LEU B 184 -2.60 10.03 16.89
C LEU B 184 -3.80 9.06 16.78
N CYS B 185 -3.93 8.37 15.64
CA CYS B 185 -5.03 7.42 15.45
C CYS B 185 -4.55 6.11 14.83
N ASP B 186 -5.52 5.20 14.59
CA ASP B 186 -5.35 3.89 13.99
C ASP B 186 -4.38 3.03 14.77
N PHE B 187 -4.91 2.38 15.81
CA PHE B 187 -4.17 1.47 16.68
C PHE B 187 -4.34 0.01 16.21
N GLY B 188 -4.73 -0.17 14.94
CA GLY B 188 -4.90 -1.47 14.29
C GLY B 188 -3.62 -2.29 14.13
N SER B 189 -2.45 -1.64 14.16
CA SER B 189 -1.14 -2.33 14.08
C SER B 189 -0.42 -2.28 15.42
N ALA B 190 -1.00 -1.60 16.43
CA ALA B 190 -0.40 -1.44 17.75
C ALA B 190 -0.25 -2.73 18.53
N LYS B 191 0.74 -2.77 19.45
CA LYS B 191 1.04 -3.94 20.24
C LYS B 191 1.83 -3.57 21.49
N GLN B 192 1.48 -4.21 22.61
CA GLN B 192 2.23 -4.09 23.85
C GLN B 192 3.42 -5.05 23.66
N LEU B 193 4.60 -4.49 23.37
CA LEU B 193 5.81 -5.28 23.14
C LEU B 193 6.35 -5.84 24.45
N VAL B 194 6.71 -7.13 24.44
CA VAL B 194 7.26 -7.84 25.61
C VAL B 194 8.66 -8.36 25.24
N ARG B 195 9.69 -7.97 26.03
CA ARG B 195 11.08 -8.37 25.84
C ARG B 195 11.22 -9.89 25.93
N GLY B 196 11.58 -10.51 24.81
CA GLY B 196 11.73 -11.95 24.68
C GLY B 196 10.65 -12.61 23.85
N GLU B 197 9.59 -11.86 23.51
CA GLU B 197 8.47 -12.35 22.71
C GLU B 197 8.55 -11.80 21.27
N PRO B 198 8.69 -12.67 20.24
CA PRO B 198 8.82 -12.18 18.86
C PRO B 198 7.62 -11.40 18.32
N ASN B 199 7.89 -10.52 17.35
CA ASN B 199 6.91 -9.66 16.68
C ASN B 199 7.10 -9.72 15.16
N VAL B 200 6.04 -9.49 14.38
CA VAL B 200 6.09 -9.50 12.91
C VAL B 200 7.00 -8.38 12.38
N SER B 201 7.94 -8.72 11.47
CA SER B 201 8.88 -7.77 10.88
C SER B 201 8.24 -6.92 9.77
N ILE B 203 5.81 -4.99 9.05
CA ILE B 203 4.87 -4.09 9.72
C ILE B 203 5.30 -2.65 9.41
N CYS B 204 4.36 -1.69 9.62
CA CYS B 204 4.50 -0.26 9.37
C CYS B 204 4.43 0.04 7.87
N SER B 205 3.90 1.22 7.50
CA SER B 205 3.83 1.66 6.10
C SER B 205 5.25 1.88 5.57
N ARG B 206 5.59 1.19 4.45
CA ARG B 206 6.88 1.12 3.76
C ARG B 206 7.82 2.31 3.94
N TYR B 207 7.42 3.51 3.49
CA TYR B 207 8.27 4.72 3.52
C TYR B 207 8.76 5.08 4.93
N TYR B 208 8.00 4.70 5.95
CA TYR B 208 8.23 4.98 7.37
C TYR B 208 8.75 3.77 8.15
N ARG B 209 9.00 2.65 7.45
CA ARG B 209 9.47 1.41 8.04
C ARG B 209 10.93 1.51 8.50
N ALA B 210 11.18 1.23 9.80
CA ALA B 210 12.50 1.22 10.42
C ALA B 210 13.45 0.25 9.68
N PRO B 211 14.78 0.51 9.56
CA PRO B 211 15.64 -0.42 8.80
C PRO B 211 15.71 -1.83 9.40
N GLU B 212 15.70 -1.95 10.75
CA GLU B 212 15.72 -3.24 11.44
C GLU B 212 14.59 -4.15 10.97
N LEU B 213 13.39 -3.56 10.74
CA LEU B 213 12.20 -4.23 10.23
C LEU B 213 12.44 -4.80 8.83
N ILE B 214 13.14 -4.04 7.96
CA ILE B 214 13.51 -4.44 6.61
C ILE B 214 14.53 -5.59 6.70
N PHE B 215 15.48 -5.50 7.66
CA PHE B 215 16.49 -6.53 7.94
C PHE B 215 15.88 -7.82 8.53
N GLY B 216 14.59 -7.80 8.83
CA GLY B 216 13.83 -8.93 9.36
C GLY B 216 13.89 -9.14 10.86
N ALA B 217 14.08 -8.05 11.65
CA ALA B 217 14.13 -8.14 13.12
C ALA B 217 12.76 -8.46 13.71
N THR B 218 12.75 -9.29 14.77
CA THR B 218 11.55 -9.74 15.48
C THR B 218 11.67 -9.33 16.97
N ASP B 219 12.87 -8.86 17.34
CA ASP B 219 13.32 -8.46 18.68
C ASP B 219 13.29 -6.92 18.88
N TYR B 220 12.77 -6.18 17.87
CA TYR B 220 12.69 -4.71 17.85
C TYR B 220 11.90 -4.11 19.04
N THR B 221 12.13 -2.81 19.29
CA THR B 221 11.51 -2.06 20.39
C THR B 221 10.60 -0.95 19.87
N SER B 222 10.11 -0.11 20.79
CA SER B 222 9.27 1.05 20.52
C SER B 222 10.00 2.14 19.73
N SER B 223 11.35 2.06 19.63
CA SER B 223 12.20 2.99 18.87
C SER B 223 11.92 2.99 17.36
N ILE B 224 11.15 1.98 16.86
CA ILE B 224 10.72 1.89 15.46
C ILE B 224 9.71 3.04 15.16
N ASP B 225 8.94 3.48 16.18
CA ASP B 225 7.99 4.58 16.08
C ASP B 225 8.74 5.90 15.96
N VAL B 226 9.91 5.99 16.62
CA VAL B 226 10.80 7.15 16.61
C VAL B 226 11.42 7.33 15.22
N TRP B 227 11.77 6.21 14.54
CA TRP B 227 12.32 6.25 13.17
C TRP B 227 11.22 6.78 12.27
N SER B 228 10.01 6.19 12.36
CA SER B 228 8.83 6.57 11.58
C SER B 228 8.51 8.06 11.77
N ALA B 229 8.61 8.57 13.03
CA ALA B 229 8.41 9.98 13.36
C ALA B 229 9.48 10.87 12.68
N GLY B 230 10.72 10.36 12.59
CA GLY B 230 11.83 11.02 11.89
C GLY B 230 11.55 11.14 10.41
N CYS B 231 10.93 10.10 9.81
CA CYS B 231 10.51 10.05 8.40
C CYS B 231 9.42 11.07 8.10
N VAL B 232 8.47 11.23 9.04
CA VAL B 232 7.37 12.19 8.92
C VAL B 232 7.97 13.61 8.96
N LEU B 233 8.90 13.86 9.90
CA LEU B 233 9.57 15.15 10.06
C LEU B 233 10.30 15.55 8.78
N ALA B 234 11.10 14.64 8.21
CA ALA B 234 11.84 14.88 6.96
C ALA B 234 10.89 15.18 5.81
N GLU B 235 9.78 14.43 5.72
CA GLU B 235 8.74 14.62 4.70
C GLU B 235 8.12 16.01 4.81
N LEU B 236 7.86 16.48 6.04
CA LEU B 236 7.27 17.80 6.26
C LEU B 236 8.22 18.93 5.86
N LEU B 237 9.54 18.72 6.00
CA LEU B 237 10.59 19.68 5.61
C LEU B 237 10.86 19.64 4.10
N LEU B 238 10.83 18.43 3.50
CA LEU B 238 11.10 18.18 2.08
C LEU B 238 9.93 18.43 1.15
N GLY B 239 8.71 18.16 1.62
CA GLY B 239 7.49 18.31 0.83
C GLY B 239 7.15 17.04 0.06
N GLN B 240 7.87 15.95 0.35
CA GLN B 240 7.73 14.62 -0.26
C GLN B 240 8.41 13.59 0.67
N PRO B 241 8.10 12.27 0.59
CA PRO B 241 8.75 11.29 1.50
C PRO B 241 10.27 11.20 1.29
N ILE B 242 11.03 11.05 2.40
CA ILE B 242 12.49 10.97 2.35
C ILE B 242 12.98 9.64 1.73
N PHE B 243 12.29 8.52 2.05
CA PHE B 243 12.67 7.21 1.51
C PHE B 243 11.49 6.59 0.71
N PRO B 244 11.25 7.03 -0.54
CA PRO B 244 10.11 6.49 -1.31
C PRO B 244 10.47 5.22 -2.07
N GLY B 245 10.55 4.11 -1.34
CA GLY B 245 10.89 2.81 -1.90
C GLY B 245 9.85 2.29 -2.87
N ASP B 246 10.29 1.73 -4.01
CA ASP B 246 9.42 1.14 -5.03
C ASP B 246 8.85 -0.20 -4.56
N SER B 247 9.50 -0.82 -3.56
CA SER B 247 9.15 -2.10 -2.94
C SER B 247 9.75 -2.16 -1.54
N GLY B 248 9.39 -3.20 -0.77
CA GLY B 248 9.88 -3.44 0.59
C GLY B 248 11.38 -3.66 0.70
N VAL B 249 12.04 -4.02 -0.43
CA VAL B 249 13.48 -4.27 -0.53
C VAL B 249 14.23 -3.03 -1.06
N ASP B 250 13.57 -2.24 -1.95
CA ASP B 250 14.12 -0.98 -2.47
C ASP B 250 14.12 0.07 -1.37
N GLN B 251 13.26 -0.13 -0.34
CA GLN B 251 13.14 0.73 0.83
C GLN B 251 14.49 0.88 1.54
N LEU B 252 15.25 -0.22 1.68
CA LEU B 252 16.58 -0.22 2.31
C LEU B 252 17.60 0.50 1.43
N VAL B 253 17.44 0.40 0.10
CA VAL B 253 18.33 1.04 -0.89
C VAL B 253 18.16 2.57 -0.78
N GLU B 254 16.91 3.05 -0.64
CA GLU B 254 16.58 4.47 -0.48
C GLU B 254 17.20 5.06 0.80
N ILE B 255 17.23 4.26 1.90
CA ILE B 255 17.83 4.66 3.18
C ILE B 255 19.35 4.75 3.03
N ILE B 256 19.98 3.73 2.39
CA ILE B 256 21.42 3.63 2.12
C ILE B 256 21.90 4.81 1.26
N LYS B 257 21.03 5.34 0.38
CA LYS B 257 21.33 6.51 -0.47
C LYS B 257 21.51 7.79 0.37
N VAL B 258 20.99 7.81 1.62
CA VAL B 258 21.06 8.96 2.53
C VAL B 258 22.07 8.74 3.69
N LEU B 259 21.97 7.61 4.42
CA LEU B 259 22.85 7.34 5.56
C LEU B 259 24.08 6.47 5.24
N GLY B 260 24.17 6.01 4.00
CA GLY B 260 25.26 5.15 3.56
C GLY B 260 25.02 3.71 3.96
N THR B 261 25.93 2.81 3.57
CA THR B 261 25.83 1.39 3.89
C THR B 261 26.05 1.21 5.42
N PRO B 262 25.09 0.57 6.15
CA PRO B 262 25.31 0.38 7.59
C PRO B 262 26.49 -0.56 7.88
N THR B 263 27.24 -0.27 8.96
CA THR B 263 28.40 -1.06 9.38
C THR B 263 27.95 -2.42 9.94
N ARG B 264 28.86 -3.42 9.97
CA ARG B 264 28.60 -4.77 10.48
C ARG B 264 27.98 -4.77 11.89
N GLU B 265 28.44 -3.84 12.75
CA GLU B 265 27.96 -3.67 14.12
C GLU B 265 26.54 -3.09 14.14
N GLN B 266 26.24 -2.09 13.26
CA GLN B 266 24.92 -1.47 13.14
C GLN B 266 23.88 -2.49 12.70
N ILE B 267 24.26 -3.40 11.77
CA ILE B 267 23.43 -4.50 11.28
C ILE B 267 23.11 -5.45 12.45
N ARG B 268 24.14 -5.75 13.28
CA ARG B 268 24.04 -6.60 14.47
C ARG B 268 23.17 -5.95 15.55
N GLU B 269 23.19 -4.60 15.65
CA GLU B 269 22.39 -3.82 16.61
C GLU B 269 20.91 -3.77 16.16
N MET B 270 20.68 -3.85 14.84
CA MET B 270 19.35 -3.85 14.21
C MET B 270 18.73 -5.25 14.32
N ASN B 271 19.47 -6.28 13.88
CA ASN B 271 19.06 -7.69 13.92
C ASN B 271 20.27 -8.54 14.34
N PRO B 272 20.21 -9.22 15.53
CA PRO B 272 21.38 -10.03 15.97
C PRO B 272 21.61 -11.33 15.20
N ASN B 273 20.71 -11.66 14.23
CA ASN B 273 20.80 -12.87 13.41
C ASN B 273 21.37 -12.54 12.04
N PRO B 280 24.34 -3.27 -2.38
CA PRO B 280 25.49 -2.52 -2.91
C PRO B 280 26.13 -1.58 -1.88
N GLN B 281 27.43 -1.30 -2.05
CA GLN B 281 28.24 -0.43 -1.18
C GLN B 281 28.21 1.04 -1.64
N ILE B 282 27.66 1.93 -0.79
CA ILE B 282 27.52 3.37 -1.02
C ILE B 282 27.92 4.14 0.25
N LYS B 283 28.70 5.22 0.10
CA LYS B 283 29.14 6.09 1.20
C LYS B 283 28.01 6.99 1.71
N ALA B 284 28.09 7.40 2.99
CA ALA B 284 27.10 8.25 3.66
C ALA B 284 27.01 9.66 3.09
N HIS B 285 25.77 10.13 2.84
CA HIS B 285 25.50 11.45 2.29
C HIS B 285 25.35 12.50 3.40
N PRO B 286 25.91 13.73 3.24
CA PRO B 286 25.80 14.74 4.30
C PRO B 286 24.36 15.23 4.50
N TRP B 287 23.91 15.30 5.78
CA TRP B 287 22.56 15.71 6.18
C TRP B 287 22.14 17.08 5.65
N THR B 288 23.08 18.04 5.59
CA THR B 288 22.87 19.40 5.09
C THR B 288 22.48 19.37 3.60
N LYS B 289 23.09 18.45 2.84
CA LYS B 289 22.88 18.26 1.41
C LYS B 289 21.55 17.57 1.08
N VAL B 290 20.98 16.83 2.06
CA VAL B 290 19.70 16.09 1.92
C VAL B 290 18.54 17.08 1.82
N PHE B 291 18.58 18.14 2.62
CA PHE B 291 17.53 19.16 2.71
C PHE B 291 17.76 20.38 1.83
N ARG B 292 16.71 21.25 1.72
CA ARG B 292 16.73 22.51 0.98
C ARG B 292 17.74 23.48 1.61
N PRO B 293 18.29 24.47 0.85
CA PRO B 293 19.32 25.37 1.43
C PRO B 293 18.90 26.24 2.63
N ARG B 294 17.59 26.44 2.86
CA ARG B 294 17.11 27.29 3.96
C ARG B 294 16.43 26.54 5.11
N THR B 295 16.59 25.19 5.18
CA THR B 295 16.03 24.35 6.24
C THR B 295 16.72 24.74 7.57
N PRO B 296 15.95 24.98 8.68
CA PRO B 296 16.60 25.34 9.96
C PRO B 296 17.62 24.31 10.44
N PRO B 297 18.80 24.71 10.95
CA PRO B 297 19.81 23.73 11.40
C PRO B 297 19.34 22.81 12.52
N GLU B 298 18.45 23.31 13.41
CA GLU B 298 17.89 22.54 14.52
C GLU B 298 16.99 21.39 14.03
N ALA B 299 16.30 21.58 12.87
CA ALA B 299 15.43 20.58 12.23
C ALA B 299 16.25 19.43 11.66
N ILE B 300 17.40 19.76 11.01
CA ILE B 300 18.35 18.81 10.44
C ILE B 300 19.06 18.04 11.59
N ALA B 301 19.48 18.77 12.65
CA ALA B 301 20.11 18.18 13.84
C ALA B 301 19.16 17.17 14.52
N LEU B 302 17.85 17.52 14.62
CA LEU B 302 16.83 16.63 15.19
C LEU B 302 16.65 15.38 14.32
N CYS B 303 16.57 15.57 12.98
CA CYS B 303 16.44 14.50 11.97
C CYS B 303 17.53 13.46 12.13
N SER B 304 18.79 13.91 12.24
CA SER B 304 19.96 13.04 12.38
C SER B 304 19.95 12.22 13.67
N ARG B 305 19.32 12.74 14.74
CA ARG B 305 19.22 12.05 16.04
C ARG B 305 17.98 11.13 16.14
N LEU B 306 17.16 11.10 15.07
CA LEU B 306 15.98 10.23 15.00
C LEU B 306 16.20 9.17 13.94
N LEU B 307 16.77 9.56 12.78
CA LEU B 307 17.02 8.66 11.66
C LEU B 307 18.42 8.00 11.76
N GLU B 308 18.63 7.25 12.86
CA GLU B 308 19.85 6.52 13.18
C GLU B 308 19.64 5.03 12.92
N TYR B 309 20.68 4.33 12.43
CA TYR B 309 20.60 2.88 12.19
C TYR B 309 20.48 2.13 13.52
N THR B 310 21.30 2.48 14.53
CA THR B 310 21.31 1.89 15.87
C THR B 310 20.01 2.30 16.61
N PRO B 311 19.08 1.35 16.88
CA PRO B 311 17.82 1.74 17.55
C PRO B 311 17.95 2.45 18.90
N THR B 312 18.94 2.04 19.71
CA THR B 312 19.21 2.63 21.03
C THR B 312 19.83 4.04 20.94
N ALA B 313 20.48 4.37 19.79
CA ALA B 313 21.11 5.69 19.57
C ALA B 313 20.08 6.80 19.32
N ARG B 314 18.89 6.41 18.86
CA ARG B 314 17.77 7.31 18.55
C ARG B 314 17.22 7.90 19.83
N LEU B 315 16.83 9.19 19.78
CA LEU B 315 16.26 9.91 20.92
C LEU B 315 14.99 9.26 21.43
N THR B 316 14.66 9.48 22.70
CA THR B 316 13.41 9.00 23.27
C THR B 316 12.36 10.10 22.91
N PRO B 317 11.04 9.78 22.89
CA PRO B 317 10.06 10.82 22.55
C PRO B 317 10.09 12.07 23.43
N LEU B 318 10.35 11.94 24.75
CA LEU B 318 10.45 13.11 25.63
C LEU B 318 11.69 13.95 25.35
N GLU B 319 12.84 13.29 25.02
CA GLU B 319 14.09 13.96 24.65
C GLU B 319 13.87 14.74 23.38
N ALA B 320 13.11 14.17 22.41
CA ALA B 320 12.75 14.81 21.15
C ALA B 320 11.90 16.05 21.43
N CYS B 321 10.85 15.95 22.29
CA CYS B 321 10.02 17.10 22.69
C CYS B 321 10.91 18.24 23.20
N ALA B 322 11.90 17.93 24.06
CA ALA B 322 12.87 18.85 24.68
C ALA B 322 13.96 19.39 23.73
N HIS B 323 14.02 18.91 22.47
CA HIS B 323 15.01 19.37 21.48
C HIS B 323 14.85 20.86 21.17
N SER B 324 15.98 21.55 20.86
CA SER B 324 16.02 22.99 20.53
C SER B 324 15.10 23.38 19.34
N PHE B 325 14.80 22.44 18.42
CA PHE B 325 13.90 22.70 17.30
C PHE B 325 12.49 23.12 17.79
N PHE B 326 12.07 22.67 18.99
CA PHE B 326 10.76 23.00 19.54
C PHE B 326 10.80 24.20 20.52
N ASP B 327 11.94 24.92 20.63
CA ASP B 327 12.11 26.06 21.53
C ASP B 327 11.13 27.18 21.26
N GLU B 328 10.80 27.41 19.98
CA GLU B 328 9.84 28.43 19.57
C GLU B 328 8.46 28.20 20.22
N LEU B 329 8.07 26.93 20.41
CA LEU B 329 6.80 26.56 21.04
C LEU B 329 6.72 26.96 22.52
N ARG B 330 7.90 27.13 23.18
CA ARG B 330 8.03 27.49 24.58
C ARG B 330 8.13 28.99 24.82
N ASP B 331 8.36 29.75 23.74
CA ASP B 331 8.45 31.20 23.74
C ASP B 331 7.09 31.73 24.23
N PRO B 332 7.03 32.60 25.27
CA PRO B 332 5.73 33.10 25.75
C PRO B 332 4.91 33.86 24.70
N ASN B 333 5.58 34.35 23.63
CA ASN B 333 4.99 35.14 22.56
C ASN B 333 4.62 34.35 21.30
N VAL B 334 4.70 33.02 21.37
CA VAL B 334 4.35 32.16 20.23
C VAL B 334 2.84 32.26 19.92
N LYS B 335 2.50 32.34 18.62
CA LYS B 335 1.13 32.40 18.13
C LYS B 335 1.00 31.58 16.85
N LEU B 336 -0.19 30.99 16.60
CA LEU B 336 -0.47 30.25 15.36
C LEU B 336 -0.53 31.27 14.19
N PRO B 337 -0.19 30.90 12.93
CA PRO B 337 -0.28 31.87 11.81
C PRO B 337 -1.64 32.54 11.61
N ASN B 338 -2.72 31.94 12.13
CA ASN B 338 -4.09 32.45 12.08
C ASN B 338 -4.46 33.30 13.31
N GLY B 339 -3.45 33.68 14.09
CA GLY B 339 -3.59 34.53 15.28
C GLY B 339 -4.05 33.90 16.58
N ARG B 340 -4.55 32.65 16.54
CA ARG B 340 -5.00 31.97 17.77
C ARG B 340 -3.80 31.53 18.64
N ASP B 341 -4.05 31.27 19.94
CA ASP B 341 -2.99 30.79 20.84
C ASP B 341 -2.73 29.31 20.51
N THR B 342 -1.49 28.84 20.75
CA THR B 342 -1.10 27.45 20.52
C THR B 342 -1.94 26.51 21.40
N PRO B 343 -2.15 25.22 21.01
CA PRO B 343 -2.91 24.30 21.89
C PRO B 343 -2.15 23.97 23.18
N ALA B 344 -2.75 23.16 24.10
CA ALA B 344 -2.08 22.78 25.33
C ALA B 344 -0.88 21.86 25.01
N LEU B 345 0.33 22.38 25.25
CA LEU B 345 1.59 21.68 24.99
C LEU B 345 2.35 21.34 26.27
N PHE B 346 2.06 22.02 27.40
CA PHE B 346 2.83 21.84 28.64
C PHE B 346 2.04 21.38 29.85
N ASN B 347 0.79 20.92 29.66
CA ASN B 347 -0.06 20.42 30.75
C ASN B 347 0.24 18.91 31.05
N PHE B 348 1.55 18.55 31.16
CA PHE B 348 2.02 17.19 31.43
C PHE B 348 1.54 16.69 32.79
N THR B 349 1.18 15.40 32.87
CA THR B 349 0.76 14.80 34.14
C THR B 349 2.03 14.28 34.85
N THR B 350 1.90 13.87 36.14
CA THR B 350 3.04 13.29 36.88
C THR B 350 3.44 11.96 36.20
N GLN B 351 2.44 11.20 35.72
CA GLN B 351 2.62 9.95 35.00
C GLN B 351 3.41 10.14 33.70
N GLU B 352 3.09 11.19 32.92
CA GLU B 352 3.73 11.54 31.64
C GLU B 352 5.23 11.83 31.76
N LEU B 353 5.64 12.48 32.86
CA LEU B 353 7.03 12.85 33.09
C LEU B 353 7.80 11.87 33.99
N SER B 354 7.12 10.87 34.59
CA SER B 354 7.74 9.88 35.50
C SER B 354 8.97 9.16 34.93
N SER B 355 9.02 8.99 33.59
CA SER B 355 10.14 8.37 32.86
C SER B 355 11.44 9.19 32.97
N ASN B 356 11.35 10.53 32.96
CA ASN B 356 12.49 11.44 33.07
C ASN B 356 12.06 12.76 33.80
N PRO B 357 11.80 12.72 35.13
CA PRO B 357 11.36 13.95 35.84
C PRO B 357 12.23 15.21 35.63
N PRO B 358 13.59 15.19 35.53
CA PRO B 358 14.32 16.44 35.30
C PRO B 358 14.06 17.13 33.94
N LEU B 359 13.49 16.42 32.94
CA LEU B 359 13.17 17.04 31.64
C LEU B 359 12.14 18.16 31.76
N ALA B 360 11.35 18.16 32.87
CA ALA B 360 10.33 19.17 33.18
C ALA B 360 10.89 20.60 33.24
N THR B 361 12.21 20.74 33.51
CA THR B 361 12.89 22.05 33.53
C THR B 361 12.89 22.68 32.12
N ILE B 362 12.97 21.83 31.08
CA ILE B 362 12.92 22.26 29.67
C ILE B 362 11.47 22.18 29.18
N LEU B 363 10.80 21.03 29.36
CA LEU B 363 9.46 20.76 28.86
C LEU B 363 8.38 21.73 29.35
N ILE B 364 8.48 22.20 30.61
CA ILE B 364 7.53 23.15 31.18
C ILE B 364 8.22 24.51 31.30
N PRO B 365 8.00 25.45 30.34
CA PRO B 365 8.68 26.76 30.41
C PRO B 365 8.23 27.57 31.62
N PRO B 366 9.08 28.49 32.16
CA PRO B 366 8.70 29.24 33.38
C PRO B 366 7.33 29.94 33.34
N HIS B 367 6.92 30.45 32.16
CA HIS B 367 5.65 31.14 32.00
C HIS B 367 4.44 30.20 32.16
N ALA B 368 4.61 28.90 31.89
CA ALA B 368 3.54 27.90 31.98
C ALA B 368 3.40 27.26 33.39
N ARG B 369 4.32 27.56 34.33
CA ARG B 369 4.35 26.97 35.67
C ARG B 369 3.29 27.53 36.62
N ILE B 370 2.48 26.61 37.18
CA ILE B 370 1.41 26.90 38.13
C ILE B 370 2.05 27.16 39.48
#